data_4ZLE
#
_entry.id   4ZLE
#
_cell.length_a   106.934
_cell.length_b   106.934
_cell.length_c   185.345
_cell.angle_alpha   90.00
_cell.angle_beta   90.00
_cell.angle_gamma   120.00
#
_symmetry.space_group_name_H-M   'P 31 2 1'
#
loop_
_entity.id
_entity.type
_entity.pdbx_description
1 polymer 'Putative b-glycan phosphorylase'
2 non-polymer 'SULFATE ION'
3 non-polymer GLYCEROL
4 non-polymer 'CHLORIDE ION'
5 water water
#
_entity_poly.entity_id   1
_entity_poly.type   'polypeptide(L)'
_entity_poly.pdbx_seq_one_letter_code
;GLKAINNGERYQLTSPTAMPQSASFLWNKKMMIQVNCRGYAVAQFMQPEPAKYAYAPNLEAKTFMQPEQPYYAHHPGRFF
YIKDEETGEIFSAPYEPVRSQLNNFSFNAGKSDISWHIAALGIEVELCLSLPVDDVVELWELKIKNGGAQPRKLSIYPYF
PVGYMSWMNQSGDYSQTAGGIIASCVTPYQKVADYFKNKDFKDKTFFLHETAPAAWEVNQKNFEGEGGLHNPNAIQQETL
GCGNALYETPTAVLQYRRELAAQEQQTFRFIFGPAFDESEAIALRNKYLSAEGFAKAKSEYQTYITSGKGCLQINTPDPE
LNNFVNHWLPRQVFYHGDVNRLTTDPQTRNYIQDNMGMSYIKPNITRQAFLHALSQQEESGAMPDGILLLEGAELKYINQ
IPHTDHCVWLPVCMQAYLDETNDYALLDEIVPYASGEKRETVEQHMHHAMRWLLQARDERGLSFIAQGDWCDPMNMVGYK
GKGVSGWLSVATAYALNLWADVCEQRQQNSCANEFRQGAKDINAAVNKHIWDGEWFGRGITDDGVLFGTSKDKEGRIFLN
PQSWAILGGAADEQKIPCLLDAVEQQLETPYGVMMLAPAFTAMRDDVGRVTQKFPGSAENGSVYNHAAVFYIFSLLSIGE
SERAYKLLRQMLPGPDEADLLQRGQLPVFIPNYYRGAYYQHPRTAGRSSQLFNTGTVSWVYRCLIEGVFGLKGSPQGLVV
QPQLPVAWQTAEAVREFRGATFNVSYRKSSDIKEMEIQLNESVISGNTISDITAGATYQLTVLLPATHLEHHHHHH
;
_entity_poly.pdbx_strand_id   A
#
# COMPACT_ATOMS: atom_id res chain seq x y z
N LEU A 2 -9.77 16.73 12.90
CA LEU A 2 -9.52 15.47 12.13
C LEU A 2 -10.58 14.46 12.35
N LYS A 3 -11.46 14.17 11.37
CA LYS A 3 -12.44 13.09 11.54
C LYS A 3 -13.16 12.65 10.27
N ALA A 4 -13.81 11.46 10.35
CA ALA A 4 -14.64 10.95 9.24
C ALA A 4 -15.81 11.86 8.94
N ILE A 5 -16.17 11.98 7.67
CA ILE A 5 -17.29 12.75 7.19
C ILE A 5 -18.01 11.96 6.08
N ASN A 6 -19.15 12.50 5.63
CA ASN A 6 -19.93 11.96 4.52
C ASN A 6 -20.24 10.47 4.68
N ASN A 7 -20.55 10.06 5.89
CA ASN A 7 -21.00 8.67 6.18
C ASN A 7 -19.91 7.63 5.87
N GLY A 8 -18.68 8.08 6.11
CA GLY A 8 -17.46 7.30 5.91
C GLY A 8 -16.79 7.38 4.56
N GLU A 9 -17.39 8.10 3.63
CA GLU A 9 -16.86 8.24 2.29
C GLU A 9 -15.52 9.03 2.31
N ARG A 10 -15.37 9.96 3.23
CA ARG A 10 -14.18 10.81 3.32
C ARG A 10 -13.72 10.94 4.78
N TYR A 11 -12.53 11.51 4.93
CA TYR A 11 -11.90 11.81 6.18
C TYR A 11 -11.25 13.16 6.04
N GLN A 12 -11.52 14.03 7.00
CA GLN A 12 -11.23 15.46 6.88
C GLN A 12 -10.22 15.91 7.90
N LEU A 13 -9.24 16.67 7.44
CA LEU A 13 -8.21 17.27 8.27
C LEU A 13 -8.40 18.75 8.08
N THR A 14 -8.41 19.48 9.19
CA THR A 14 -8.77 20.92 9.19
C THR A 14 -7.61 21.88 9.55
N SER A 15 -6.39 21.39 9.64
CA SER A 15 -5.19 22.26 9.68
C SER A 15 -4.15 21.86 8.56
N PRO A 16 -3.62 22.85 7.84
CA PRO A 16 -2.52 22.59 6.92
C PRO A 16 -1.12 22.47 7.54
N THR A 17 -1.00 22.74 8.82
CA THR A 17 0.28 22.76 9.52
C THR A 17 0.38 21.73 10.63
N ALA A 18 -0.72 21.19 11.19
CA ALA A 18 -0.55 20.31 12.35
C ALA A 18 0.05 18.95 11.95
N MET A 19 -0.17 18.55 10.71
CA MET A 19 0.24 17.24 10.24
C MET A 19 0.72 17.40 8.78
N PRO A 20 1.83 18.14 8.59
CA PRO A 20 2.09 18.68 7.27
C PRO A 20 2.58 17.63 6.30
N GLN A 21 2.97 16.43 6.78
CA GLN A 21 3.32 15.35 5.86
C GLN A 21 2.15 14.48 5.44
N SER A 22 0.96 14.70 6.03
CA SER A 22 -0.15 13.78 5.82
C SER A 22 -0.65 13.92 4.40
N ALA A 23 -1.18 12.80 3.94
CA ALA A 23 -1.56 12.64 2.57
C ALA A 23 -2.59 11.56 2.45
N SER A 24 -3.19 11.47 1.25
CA SER A 24 -3.92 10.30 0.84
C SER A 24 -3.53 9.92 -0.59
N PHE A 25 -4.06 8.83 -1.10
CA PHE A 25 -3.72 8.45 -2.47
C PHE A 25 -4.96 8.16 -3.26
N LEU A 26 -4.81 8.18 -4.59
CA LEU A 26 -5.73 7.55 -5.50
C LEU A 26 -4.96 6.73 -6.51
N TRP A 27 -5.66 5.80 -7.14
CA TRP A 27 -5.10 5.04 -8.23
C TRP A 27 -6.15 4.67 -9.22
N ASN A 28 -5.70 4.18 -10.36
CA ASN A 28 -6.52 3.49 -11.31
C ASN A 28 -5.76 2.40 -12.03
N LYS A 29 -6.27 1.88 -13.12
CA LYS A 29 -5.63 0.78 -13.78
C LYS A 29 -4.19 1.10 -14.28
N LYS A 30 -3.83 2.37 -14.39
CA LYS A 30 -2.55 2.73 -14.97
C LYS A 30 -1.76 3.77 -14.27
N MET A 31 -2.21 4.25 -13.12
CA MET A 31 -1.49 5.30 -12.46
C MET A 31 -1.85 5.34 -11.00
N MET A 32 -1.08 6.12 -10.25
CA MET A 32 -1.33 6.41 -8.84
C MET A 32 -0.83 7.76 -8.54
N ILE A 33 -1.48 8.40 -7.58
CA ILE A 33 -1.08 9.70 -7.14
C ILE A 33 -1.17 9.79 -5.64
N GLN A 34 -0.10 10.28 -5.01
CA GLN A 34 -0.12 10.61 -3.61
C GLN A 34 -0.27 12.11 -3.50
N VAL A 35 -1.31 12.55 -2.78
CA VAL A 35 -1.57 13.98 -2.58
C VAL A 35 -1.37 14.39 -1.11
N ASN A 36 -0.48 15.34 -0.93
CA ASN A 36 -0.17 15.89 0.36
C ASN A 36 -1.20 16.95 0.66
N CYS A 37 -1.44 17.11 1.97
CA CYS A 37 -2.44 18.03 2.50
C CYS A 37 -2.19 19.49 2.11
N ARG A 38 -0.95 19.85 1.85
CA ARG A 38 -0.60 21.27 1.53
C ARG A 38 -0.63 21.55 0.02
N GLY A 39 -0.84 20.51 -0.79
CA GLY A 39 -0.90 20.70 -2.25
C GLY A 39 0.15 20.02 -3.10
N TYR A 40 1.19 19.54 -2.46
CA TYR A 40 2.21 18.75 -3.15
C TYR A 40 1.62 17.41 -3.56
N ALA A 41 2.15 16.85 -4.66
CA ALA A 41 1.73 15.56 -5.16
C ALA A 41 2.80 14.86 -5.92
N VAL A 42 2.69 13.53 -5.93
CA VAL A 42 3.59 12.68 -6.66
C VAL A 42 2.73 11.74 -7.47
N ALA A 43 2.87 11.80 -8.80
CA ALA A 43 2.08 10.97 -9.68
C ALA A 43 2.94 10.06 -10.56
N GLN A 44 2.58 8.77 -10.69
CA GLN A 44 3.27 7.87 -11.63
C GLN A 44 2.29 7.16 -12.49
N PHE A 45 2.64 6.93 -13.75
CA PHE A 45 1.82 6.13 -14.63
C PHE A 45 2.62 5.10 -15.38
N MET A 46 1.91 4.16 -15.95
CA MET A 46 2.50 3.06 -16.68
C MET A 46 2.29 3.20 -18.17
N GLN A 47 3.34 2.97 -18.95
CA GLN A 47 3.26 3.14 -20.39
C GLN A 47 4.14 2.25 -21.28
N PRO A 48 4.45 0.98 -20.97
CA PRO A 48 3.97 0.23 -19.81
C PRO A 48 4.89 0.28 -18.60
N GLU A 49 6.06 0.93 -18.70
CA GLU A 49 6.91 1.12 -17.58
C GLU A 49 6.60 2.44 -16.89
N PRO A 50 7.07 2.63 -15.65
CA PRO A 50 6.82 3.86 -14.92
C PRO A 50 7.38 5.13 -15.61
N ALA A 51 6.64 6.22 -15.42
CA ALA A 51 6.90 7.56 -15.97
C ALA A 51 6.14 8.59 -15.19
N LYS A 52 6.48 9.86 -15.38
CA LYS A 52 5.87 10.99 -14.74
C LYS A 52 5.61 12.04 -15.81
N TYR A 53 4.65 12.95 -15.48
CA TYR A 53 4.33 14.13 -16.36
C TYR A 53 4.54 15.45 -15.69
N ALA A 54 4.69 15.42 -14.37
CA ALA A 54 4.98 16.58 -13.54
C ALA A 54 6.31 16.28 -12.88
N TYR A 55 7.34 17.05 -13.20
CA TYR A 55 8.72 16.77 -12.83
C TYR A 55 9.25 17.75 -11.81
N ALA A 56 10.31 17.31 -11.13
CA ALA A 56 11.04 18.16 -10.21
C ALA A 56 11.72 19.28 -11.05
N PRO A 57 12.12 20.37 -10.39
CA PRO A 57 12.80 21.46 -11.10
C PRO A 57 14.27 21.15 -11.48
N ASN A 58 14.78 20.01 -11.10
CA ASN A 58 16.13 19.55 -11.49
C ASN A 58 16.00 18.21 -12.22
N LEU A 59 17.11 17.57 -12.47
CA LEU A 59 17.09 16.25 -13.11
C LEU A 59 17.00 15.18 -12.02
N GLU A 60 15.84 14.60 -11.85
CA GLU A 60 15.63 13.72 -10.73
C GLU A 60 16.00 12.30 -11.09
N ALA A 61 16.33 11.49 -10.08
CA ALA A 61 16.54 10.08 -10.27
C ALA A 61 15.21 9.43 -10.59
N LYS A 62 15.28 8.27 -11.23
CA LYS A 62 14.13 7.39 -11.49
C LYS A 62 13.71 6.88 -10.13
N THR A 63 12.48 7.13 -9.72
CA THR A 63 11.99 6.76 -8.40
C THR A 63 10.49 7.13 -8.29
N PHE A 64 9.69 6.43 -7.48
CA PHE A 64 8.32 6.94 -7.16
C PHE A 64 8.38 7.93 -5.98
N MET A 65 8.47 7.42 -4.75
CA MET A 65 8.60 8.23 -3.55
C MET A 65 9.57 7.57 -2.64
N GLN A 66 10.13 8.32 -1.73
CA GLN A 66 10.93 7.75 -0.62
C GLN A 66 10.07 7.68 0.64
N PRO A 67 10.51 6.84 1.60
CA PRO A 67 9.88 6.88 2.90
C PRO A 67 10.13 8.21 3.55
N GLU A 68 9.10 8.76 4.17
CA GLU A 68 9.15 10.03 4.84
C GLU A 68 9.60 11.09 3.86
N GLN A 69 9.11 11.01 2.63
CA GLN A 69 9.42 11.92 1.51
C GLN A 69 9.50 13.35 1.94
N PRO A 70 10.59 14.00 1.70
CA PRO A 70 10.58 15.42 1.99
C PRO A 70 9.97 16.20 0.81
N TYR A 71 9.17 17.19 1.10
CA TYR A 71 8.63 18.08 0.11
C TYR A 71 9.52 19.31 0.20
N TYR A 72 9.43 20.22 -0.76
CA TYR A 72 10.23 21.46 -0.81
C TYR A 72 9.38 22.37 -1.68
N ALA A 73 9.67 23.66 -1.64
CA ALA A 73 8.83 24.65 -2.30
C ALA A 73 8.50 24.38 -3.76
N HIS A 74 9.49 23.98 -4.58
CA HIS A 74 9.23 23.67 -6.02
C HIS A 74 8.91 22.19 -6.33
N HIS A 75 8.58 21.45 -5.30
CA HIS A 75 8.13 20.06 -5.50
C HIS A 75 6.83 20.13 -6.31
N PRO A 76 6.65 19.19 -7.23
CA PRO A 76 5.43 19.14 -7.96
C PRO A 76 4.18 19.14 -7.06
N GLY A 77 3.12 19.73 -7.58
CA GLY A 77 1.97 20.07 -6.74
C GLY A 77 0.84 20.56 -7.62
N ARG A 78 -0.26 20.92 -6.98
CA ARG A 78 -1.53 21.22 -7.69
C ARG A 78 -2.16 22.41 -6.96
N PHE A 79 -2.09 23.60 -7.56
CA PHE A 79 -2.33 24.87 -6.87
C PHE A 79 -3.20 25.84 -7.68
N PHE A 80 -3.84 26.74 -6.96
CA PHE A 80 -4.66 27.82 -7.58
C PHE A 80 -4.36 29.12 -6.80
N TYR A 81 -3.83 30.14 -7.48
CA TYR A 81 -3.67 31.42 -6.86
C TYR A 81 -4.98 32.23 -7.06
N ILE A 82 -5.37 32.97 -6.02
CA ILE A 82 -6.50 33.88 -6.10
C ILE A 82 -6.05 35.30 -5.76
N LYS A 83 -6.27 36.22 -6.69
CA LYS A 83 -5.91 37.62 -6.49
C LYS A 83 -7.16 38.54 -6.39
N ASP A 84 -7.22 39.37 -5.34
CA ASP A 84 -8.22 40.45 -5.26
C ASP A 84 -7.78 41.58 -6.14
N GLU A 85 -8.47 41.81 -7.25
CA GLU A 85 -7.98 42.81 -8.18
C GLU A 85 -8.17 44.18 -7.56
N GLU A 86 -9.05 44.34 -6.56
CA GLU A 86 -9.24 45.68 -5.93
C GLU A 86 -8.10 46.01 -5.01
N THR A 87 -7.55 45.03 -4.28
CA THR A 87 -6.51 45.29 -3.32
C THR A 87 -5.11 44.79 -3.67
N GLY A 88 -4.94 44.03 -4.74
CA GLY A 88 -3.67 43.30 -4.97
C GLY A 88 -3.30 42.14 -4.05
N GLU A 89 -4.12 41.86 -3.03
CA GLU A 89 -3.89 40.76 -2.13
C GLU A 89 -4.12 39.40 -2.80
N ILE A 90 -3.30 38.44 -2.38
CA ILE A 90 -3.33 37.09 -2.94
C ILE A 90 -3.31 36.01 -1.87
N PHE A 91 -3.94 34.90 -2.18
CA PHE A 91 -3.66 33.65 -1.50
C PHE A 91 -3.60 32.50 -2.49
N SER A 92 -3.12 31.35 -2.03
CA SER A 92 -3.22 30.09 -2.81
C SER A 92 -3.99 28.91 -2.13
N ALA A 93 -4.73 28.19 -2.94
CA ALA A 93 -5.24 26.86 -2.59
C ALA A 93 -4.25 25.77 -3.08
N PRO A 94 -4.02 24.75 -2.28
CA PRO A 94 -4.70 24.50 -0.98
C PRO A 94 -4.16 25.27 0.24
N TYR A 95 -2.90 25.66 0.16
CA TYR A 95 -2.18 26.33 1.23
C TYR A 95 -0.82 26.77 0.67
N GLU A 96 -0.01 25.83 0.22
CA GLU A 96 1.17 26.22 -0.61
C GLU A 96 0.63 26.79 -1.93
N PRO A 97 1.41 27.56 -2.69
CA PRO A 97 2.78 27.97 -2.33
C PRO A 97 2.88 29.22 -1.42
N VAL A 98 1.77 29.94 -1.22
CA VAL A 98 1.83 31.26 -0.57
C VAL A 98 1.86 31.14 0.95
N ARG A 99 1.17 30.15 1.46
CA ARG A 99 0.99 29.97 2.89
C ARG A 99 0.37 31.19 3.61
N SER A 100 -0.66 31.79 3.05
CA SER A 100 -1.39 32.85 3.74
C SER A 100 -2.17 32.28 4.91
N GLN A 101 -2.55 33.16 5.84
CA GLN A 101 -3.57 32.86 6.89
C GLN A 101 -4.82 32.50 6.17
N LEU A 102 -5.48 31.42 6.56
CA LEU A 102 -6.75 31.14 5.95
C LEU A 102 -7.83 31.31 7.00
N ASN A 103 -9.05 31.62 6.59
CA ASN A 103 -10.21 31.63 7.49
C ASN A 103 -10.79 30.28 7.65
N ASN A 104 -10.72 29.44 6.61
CA ASN A 104 -11.11 28.06 6.69
C ASN A 104 -10.15 27.13 5.95
N PHE A 105 -9.97 25.91 6.44
CA PHE A 105 -9.19 24.85 5.73
C PHE A 105 -9.73 23.44 6.00
N SER A 106 -10.10 22.74 4.92
CA SER A 106 -10.35 21.31 4.96
C SER A 106 -9.61 20.56 3.86
N PHE A 107 -8.86 19.56 4.25
CA PHE A 107 -8.33 18.51 3.36
C PHE A 107 -9.16 17.22 3.47
N ASN A 108 -9.83 16.80 2.40
CA ASN A 108 -10.68 15.61 2.48
C ASN A 108 -10.10 14.47 1.67
N ALA A 109 -9.55 13.49 2.37
CA ALA A 109 -9.20 12.19 1.75
C ALA A 109 -10.48 11.46 1.45
N GLY A 110 -10.67 11.05 0.21
CA GLY A 110 -11.81 10.31 -0.15
C GLY A 110 -11.45 8.95 -0.67
N LYS A 111 -12.43 8.07 -0.64
CA LYS A 111 -12.29 6.78 -1.28
C LYS A 111 -12.10 6.82 -2.77
N SER A 112 -12.71 7.84 -3.38
CA SER A 112 -12.79 7.97 -4.83
C SER A 112 -12.35 9.34 -5.32
N ASP A 113 -12.01 10.26 -4.42
CA ASP A 113 -11.51 11.58 -4.77
C ASP A 113 -10.75 12.17 -3.65
N ILE A 114 -10.13 13.32 -3.92
CA ILE A 114 -9.41 14.08 -2.92
C ILE A 114 -9.80 15.48 -3.14
N SER A 115 -10.04 16.17 -2.04
CA SER A 115 -10.59 17.51 -2.27
C SER A 115 -10.21 18.44 -1.15
N TRP A 116 -10.33 19.73 -1.42
CA TRP A 116 -10.14 20.73 -0.37
C TRP A 116 -11.25 21.77 -0.39
N HIS A 117 -11.50 22.37 0.78
CA HIS A 117 -12.31 23.58 0.93
C HIS A 117 -11.46 24.54 1.71
N ILE A 118 -11.27 25.72 1.14
CA ILE A 118 -10.53 26.72 1.83
C ILE A 118 -11.24 28.08 1.70
N ALA A 119 -10.98 28.97 2.67
CA ALA A 119 -11.41 30.36 2.54
C ALA A 119 -10.42 31.42 3.00
N ALA A 120 -10.40 32.51 2.24
CA ALA A 120 -9.58 33.65 2.58
C ALA A 120 -10.10 34.86 1.84
N LEU A 121 -9.98 36.05 2.44
CA LEU A 121 -10.46 37.30 1.82
C LEU A 121 -11.94 37.28 1.42
N GLY A 122 -12.73 36.52 2.17
CA GLY A 122 -14.15 36.34 1.89
C GLY A 122 -14.50 35.50 0.69
N ILE A 123 -13.50 34.85 0.08
CA ILE A 123 -13.71 34.03 -1.09
C ILE A 123 -13.59 32.57 -0.66
N GLU A 124 -14.53 31.76 -1.14
CA GLU A 124 -14.64 30.38 -0.76
C GLU A 124 -14.24 29.54 -1.95
N VAL A 125 -13.20 28.73 -1.74
CA VAL A 125 -12.63 27.88 -2.79
C VAL A 125 -12.89 26.40 -2.47
N GLU A 126 -13.36 25.69 -3.49
CA GLU A 126 -13.48 24.25 -3.46
C GLU A 126 -12.59 23.67 -4.55
N LEU A 127 -11.85 22.61 -4.21
CA LEU A 127 -10.98 21.93 -5.17
C LEU A 127 -11.23 20.42 -5.12
N CYS A 128 -11.52 19.78 -6.24
CA CYS A 128 -11.73 18.36 -6.26
C CYS A 128 -10.94 17.67 -7.38
N LEU A 129 -10.22 16.61 -6.98
CA LEU A 129 -9.45 15.74 -7.88
C LEU A 129 -10.07 14.36 -7.96
N SER A 130 -10.18 13.80 -9.15
CA SER A 130 -10.41 12.39 -9.23
C SER A 130 -9.88 11.83 -10.49
N LEU A 131 -9.95 10.52 -10.62
CA LEU A 131 -9.42 9.84 -11.80
C LEU A 131 -10.49 8.96 -12.38
N PRO A 132 -10.47 8.75 -13.72
CA PRO A 132 -11.24 7.71 -14.31
C PRO A 132 -10.58 6.36 -14.02
N VAL A 133 -11.27 5.32 -14.38
CA VAL A 133 -10.81 3.96 -14.14
C VAL A 133 -9.65 3.61 -15.06
N ASP A 134 -9.82 3.93 -16.34
CA ASP A 134 -8.89 3.48 -17.33
C ASP A 134 -8.01 4.42 -18.14
N ASP A 135 -7.89 5.69 -17.86
CA ASP A 135 -7.01 6.51 -18.69
C ASP A 135 -6.17 7.21 -17.75
N VAL A 136 -4.99 7.60 -18.21
CA VAL A 136 -4.09 8.40 -17.41
C VAL A 136 -4.40 9.89 -17.57
N VAL A 137 -5.10 10.45 -16.61
CA VAL A 137 -5.54 11.85 -16.65
C VAL A 137 -6.12 12.21 -15.29
N GLU A 138 -5.82 13.39 -14.81
CA GLU A 138 -6.36 13.89 -13.57
C GLU A 138 -7.49 14.81 -13.90
N LEU A 139 -8.62 14.60 -13.24
CA LEU A 139 -9.86 15.40 -13.42
C LEU A 139 -9.96 16.36 -12.27
N TRP A 140 -9.79 17.65 -12.62
CA TRP A 140 -9.80 18.74 -11.68
C TRP A 140 -11.07 19.68 -11.80
N GLU A 141 -11.67 19.94 -10.64
CA GLU A 141 -12.84 20.80 -10.53
C GLU A 141 -12.59 21.84 -9.48
N LEU A 142 -12.61 23.09 -9.93
CA LEU A 142 -12.43 24.25 -9.09
C LEU A 142 -13.78 25.03 -8.94
N LYS A 143 -14.18 25.37 -7.71
CA LYS A 143 -15.31 26.28 -7.49
C LYS A 143 -14.85 27.47 -6.68
N ILE A 144 -15.19 28.66 -7.17
CA ILE A 144 -14.85 29.95 -6.54
C ILE A 144 -16.19 30.61 -6.20
N LYS A 145 -16.35 31.01 -4.94
CA LYS A 145 -17.58 31.66 -4.49
C LYS A 145 -17.26 32.97 -3.75
N ASN A 146 -17.89 34.05 -4.23
CA ASN A 146 -17.93 35.31 -3.48
C ASN A 146 -18.85 35.16 -2.26
N GLY A 147 -18.26 35.02 -1.08
CA GLY A 147 -19.02 34.78 0.13
C GLY A 147 -19.54 36.05 0.81
N GLY A 148 -19.29 37.22 0.23
CA GLY A 148 -19.65 38.51 0.85
C GLY A 148 -20.88 39.15 0.22
N ALA A 149 -21.17 40.36 0.70
CA ALA A 149 -22.38 41.13 0.33
C ALA A 149 -22.21 41.97 -0.92
N GLN A 150 -20.97 42.33 -1.29
CA GLN A 150 -20.67 43.20 -2.44
C GLN A 150 -20.07 42.43 -3.61
N PRO A 151 -20.18 42.96 -4.83
CA PRO A 151 -19.39 42.30 -5.88
C PRO A 151 -17.88 42.28 -5.55
N ARG A 152 -17.12 41.43 -6.24
CA ARG A 152 -15.68 41.31 -5.98
C ARG A 152 -15.03 41.06 -7.29
N LYS A 153 -13.91 41.73 -7.58
CA LYS A 153 -13.19 41.43 -8.82
C LYS A 153 -11.98 40.57 -8.48
N LEU A 154 -11.86 39.42 -9.16
CA LEU A 154 -10.79 38.42 -8.90
C LEU A 154 -10.06 38.03 -10.18
N SER A 155 -8.77 37.78 -10.01
CA SER A 155 -7.99 37.05 -10.97
C SER A 155 -7.70 35.67 -10.30
N ILE A 156 -7.97 34.62 -11.07
CA ILE A 156 -7.89 33.24 -10.60
C ILE A 156 -6.90 32.51 -11.50
N TYR A 157 -5.83 31.95 -10.89
CA TYR A 157 -4.71 31.33 -11.65
C TYR A 157 -4.41 29.86 -11.23
N PRO A 158 -4.87 28.89 -12.02
CA PRO A 158 -4.24 27.61 -11.82
C PRO A 158 -2.71 27.72 -12.01
N TYR A 159 -1.96 27.08 -11.12
CA TYR A 159 -0.51 26.89 -11.22
C TYR A 159 -0.19 25.37 -11.08
N PHE A 160 0.04 24.71 -12.21
CA PHE A 160 0.37 23.30 -12.31
C PHE A 160 1.74 23.18 -12.93
N PRO A 161 2.78 23.26 -12.09
CA PRO A 161 4.14 23.32 -12.65
C PRO A 161 4.58 21.99 -13.27
N VAL A 162 5.15 22.05 -14.46
CA VAL A 162 5.57 20.86 -15.19
C VAL A 162 6.99 20.41 -14.79
N GLY A 163 7.78 21.33 -14.36
CA GLY A 163 9.15 21.12 -14.00
C GLY A 163 10.11 20.96 -15.14
N TYR A 164 11.33 20.56 -14.77
CA TYR A 164 12.42 20.38 -15.68
C TYR A 164 12.26 19.01 -16.30
N MET A 165 11.87 18.97 -17.55
CA MET A 165 11.50 17.73 -18.17
C MET A 165 12.71 16.96 -18.69
N SER A 166 13.75 17.62 -19.19
CA SER A 166 14.79 16.90 -19.96
C SER A 166 15.84 17.89 -20.37
N TRP A 167 17.10 17.43 -20.34
CA TRP A 167 18.23 18.18 -20.79
C TRP A 167 18.40 18.15 -22.29
N MET A 168 17.82 17.18 -22.95
CA MET A 168 17.97 17.08 -24.38
C MET A 168 17.07 18.02 -25.11
N ASN A 169 15.81 18.04 -24.68
CA ASN A 169 14.81 18.84 -25.32
C ASN A 169 13.63 19.05 -24.41
N GLN A 170 13.32 20.30 -24.10
CA GLN A 170 12.06 20.60 -23.43
C GLN A 170 11.52 21.97 -23.92
N SER A 171 10.21 22.15 -23.89
CA SER A 171 9.58 23.34 -24.35
C SER A 171 8.15 23.37 -23.88
N GLY A 172 7.46 24.45 -24.20
CA GLY A 172 6.05 24.47 -24.03
C GLY A 172 5.40 25.67 -24.66
N ASP A 173 4.14 25.48 -25.03
CA ASP A 173 3.37 26.57 -25.57
C ASP A 173 1.86 26.36 -25.30
N TYR A 174 1.12 27.45 -25.52
CA TYR A 174 -0.32 27.49 -25.48
C TYR A 174 -0.83 27.00 -26.78
N SER A 175 -1.83 26.14 -26.77
CA SER A 175 -2.43 25.59 -27.98
C SER A 175 -3.93 25.94 -27.92
N GLN A 176 -4.38 26.78 -28.87
CA GLN A 176 -5.79 27.17 -28.90
C GLN A 176 -6.65 25.96 -29.28
N THR A 177 -6.11 25.14 -30.15
CA THR A 177 -6.76 23.97 -30.68
C THR A 177 -7.03 22.86 -29.64
N ALA A 178 -6.01 22.53 -28.87
CA ALA A 178 -6.17 21.62 -27.72
C ALA A 178 -6.95 22.24 -26.60
N GLY A 179 -6.98 23.57 -26.55
CA GLY A 179 -7.59 24.30 -25.44
C GLY A 179 -6.81 24.21 -24.15
N GLY A 180 -5.53 24.56 -24.26
CA GLY A 180 -4.71 24.81 -23.06
C GLY A 180 -3.21 24.74 -23.36
N ILE A 181 -2.45 24.37 -22.33
CA ILE A 181 -1.01 24.33 -22.42
C ILE A 181 -0.53 22.93 -22.64
N ILE A 182 0.45 22.82 -23.54
CA ILE A 182 1.14 21.61 -23.87
C ILE A 182 2.68 21.81 -23.74
N ALA A 183 3.23 21.12 -22.73
CA ALA A 183 4.68 21.03 -22.51
C ALA A 183 5.12 19.79 -23.26
N SER A 184 6.34 19.82 -23.75
CA SER A 184 6.84 18.77 -24.59
C SER A 184 8.35 18.52 -24.35
N CYS A 185 8.77 17.27 -24.42
CA CYS A 185 10.16 16.95 -24.18
C CYS A 185 10.57 15.73 -24.94
N VAL A 186 11.86 15.39 -24.88
CA VAL A 186 12.32 14.10 -25.39
C VAL A 186 13.08 13.48 -24.21
N THR A 187 12.61 12.33 -23.73
CA THR A 187 13.26 11.64 -22.59
C THR A 187 14.72 11.38 -23.01
N PRO A 188 15.67 11.76 -22.18
CA PRO A 188 17.09 11.56 -22.50
C PRO A 188 17.47 10.11 -22.66
N TYR A 189 18.41 9.89 -23.54
CA TYR A 189 18.95 8.58 -23.78
C TYR A 189 20.23 8.77 -24.58
N GLN A 190 20.96 7.70 -24.83
CA GLN A 190 22.15 7.71 -25.72
C GLN A 190 22.22 6.51 -26.68
N LYS A 191 21.71 5.36 -26.28
CA LYS A 191 21.75 4.17 -27.10
C LYS A 191 20.67 4.14 -28.13
N VAL A 192 21.06 3.75 -29.35
CA VAL A 192 20.11 3.67 -30.45
C VAL A 192 18.91 2.74 -30.13
N ALA A 193 19.16 1.64 -29.43
CA ALA A 193 18.09 0.74 -29.00
C ALA A 193 16.99 1.46 -28.13
N ASP A 194 17.39 2.47 -27.37
CA ASP A 194 16.46 3.20 -26.56
C ASP A 194 15.57 4.10 -27.36
N TYR A 195 16.07 4.58 -28.48
CA TYR A 195 15.16 5.28 -29.38
C TYR A 195 13.97 4.38 -29.74
N PHE A 196 14.25 3.17 -30.16
CA PHE A 196 13.17 2.28 -30.55
C PHE A 196 12.35 1.92 -29.31
N LYS A 197 12.98 1.70 -28.19
CA LYS A 197 12.25 1.35 -26.98
C LYS A 197 11.35 2.51 -26.50
N ASN A 198 11.74 3.77 -26.68
CA ASN A 198 11.05 4.91 -26.08
C ASN A 198 10.06 5.63 -26.99
N LYS A 199 9.89 5.09 -28.18
CA LYS A 199 9.19 5.75 -29.29
C LYS A 199 7.76 6.13 -28.97
N ASP A 200 7.06 5.28 -28.25
CA ASP A 200 5.70 5.61 -27.87
C ASP A 200 5.55 6.27 -26.48
N PHE A 201 6.61 6.82 -25.91
CA PHE A 201 6.47 7.55 -24.66
C PHE A 201 5.52 8.75 -24.81
N LYS A 202 4.77 8.98 -23.75
CA LYS A 202 3.96 10.13 -23.58
C LYS A 202 4.80 11.26 -23.03
N ASP A 203 5.62 11.83 -23.94
CA ASP A 203 6.53 12.95 -23.61
C ASP A 203 5.92 14.32 -23.65
N LYS A 204 4.59 14.44 -23.78
CA LYS A 204 3.95 15.73 -23.61
C LYS A 204 3.20 15.71 -22.29
N THR A 205 3.16 16.83 -21.62
CA THR A 205 2.31 17.03 -20.53
C THR A 205 1.27 18.12 -20.95
N PHE A 206 -0.02 17.85 -20.74
CA PHE A 206 -1.07 18.80 -21.01
C PHE A 206 -1.73 19.33 -19.77
N PHE A 207 -2.21 20.57 -19.86
CA PHE A 207 -3.11 21.14 -18.88
C PHE A 207 -4.20 21.85 -19.68
N LEU A 208 -5.39 21.26 -19.73
CA LEU A 208 -6.39 21.71 -20.65
C LEU A 208 -7.58 22.31 -19.91
N HIS A 209 -8.12 23.41 -20.45
CA HIS A 209 -9.26 24.16 -19.81
C HIS A 209 -10.56 23.84 -20.54
N GLU A 210 -11.63 23.62 -19.77
CA GLU A 210 -12.97 23.59 -20.39
C GLU A 210 -13.38 25.00 -20.86
N THR A 211 -13.18 25.96 -19.97
CA THR A 211 -13.46 27.37 -20.18
C THR A 211 -12.25 28.14 -20.65
N ALA A 212 -12.39 28.89 -21.75
CA ALA A 212 -11.23 29.67 -22.30
C ALA A 212 -10.88 30.73 -21.33
N PRO A 213 -9.60 30.91 -21.06
CA PRO A 213 -9.12 31.83 -20.04
C PRO A 213 -8.79 33.26 -20.67
N ALA A 214 -8.47 34.24 -19.84
CA ALA A 214 -8.06 35.62 -20.34
C ALA A 214 -6.66 35.61 -20.82
N ALA A 215 -5.79 34.86 -20.13
CA ALA A 215 -4.38 34.76 -20.51
C ALA A 215 -3.74 33.48 -19.93
N TRP A 216 -2.46 33.31 -20.26
CA TRP A 216 -1.65 32.16 -19.87
C TRP A 216 -0.18 32.54 -19.74
N GLU A 217 0.61 31.64 -19.10
CA GLU A 217 2.06 31.75 -19.02
C GLU A 217 2.59 30.29 -18.99
N VAL A 218 3.56 29.97 -19.85
CA VAL A 218 4.19 28.64 -19.99
C VAL A 218 5.66 28.66 -19.60
N ASN A 219 6.20 29.84 -19.33
CA ASN A 219 7.60 29.96 -18.91
C ASN A 219 7.67 30.12 -17.39
N GLN A 220 8.26 29.16 -16.65
CA GLN A 220 8.25 29.17 -15.20
C GLN A 220 8.94 30.39 -14.60
N LYS A 221 10.13 30.72 -15.13
CA LYS A 221 10.88 31.87 -14.62
C LYS A 221 10.07 33.18 -14.81
N ASN A 222 9.47 33.38 -15.97
CA ASN A 222 8.68 34.56 -16.17
C ASN A 222 7.47 34.58 -15.27
N PHE A 223 6.88 33.41 -14.97
CA PHE A 223 5.77 33.37 -13.95
C PHE A 223 6.26 33.93 -12.64
N GLU A 224 7.40 33.43 -12.20
CA GLU A 224 7.90 33.88 -10.90
C GLU A 224 8.48 35.29 -10.79
N GLY A 225 9.34 35.65 -11.74
CA GLY A 225 10.21 36.85 -11.66
C GLY A 225 10.89 36.86 -10.33
N GLU A 226 11.10 38.04 -9.75
CA GLU A 226 11.75 38.18 -8.44
C GLU A 226 10.84 37.91 -7.31
N GLY A 227 9.54 37.92 -7.52
CA GLY A 227 8.63 37.58 -6.46
C GLY A 227 8.63 36.12 -6.04
N GLY A 228 9.07 35.22 -6.92
CA GLY A 228 9.11 33.76 -6.59
C GLY A 228 7.71 33.20 -6.40
N LEU A 229 7.60 31.99 -5.84
CA LEU A 229 6.30 31.38 -5.63
C LEU A 229 5.43 32.13 -4.61
N HIS A 230 6.07 32.82 -3.69
CA HIS A 230 5.38 33.52 -2.59
C HIS A 230 4.49 34.62 -3.09
N ASN A 231 4.93 35.26 -4.18
CA ASN A 231 4.28 36.43 -4.71
C ASN A 231 4.71 36.60 -6.15
N PRO A 232 4.25 35.71 -7.02
CA PRO A 232 4.82 35.74 -8.37
C PRO A 232 4.61 37.06 -9.11
N ASN A 233 5.60 37.46 -9.84
CA ASN A 233 5.46 38.64 -10.67
C ASN A 233 4.38 38.66 -11.68
N ALA A 234 4.15 37.51 -12.32
CA ALA A 234 3.12 37.45 -13.34
C ALA A 234 1.73 37.74 -12.73
N ILE A 235 1.58 37.50 -11.42
CA ILE A 235 0.29 37.72 -10.72
C ILE A 235 0.19 39.12 -10.18
N GLN A 236 1.34 39.76 -9.96
CA GLN A 236 1.28 41.16 -9.60
C GLN A 236 0.81 42.01 -10.78
N GLN A 237 1.13 41.62 -12.01
CA GLN A 237 0.73 42.33 -13.21
C GLN A 237 -0.81 42.23 -13.32
N GLU A 238 -1.39 42.97 -14.27
CA GLU A 238 -2.82 42.93 -14.44
C GLU A 238 -3.19 41.63 -15.18
N THR A 239 -2.41 41.38 -16.21
CA THR A 239 -2.54 40.25 -17.08
C THR A 239 -1.22 39.46 -17.22
N LEU A 240 -1.33 38.13 -17.25
CA LEU A 240 -0.23 37.28 -17.62
C LEU A 240 0.30 37.65 -18.98
N GLY A 241 1.61 37.51 -19.21
CA GLY A 241 2.21 37.90 -20.44
C GLY A 241 2.17 36.93 -21.58
N CYS A 242 1.51 35.77 -21.42
CA CYS A 242 1.38 34.85 -22.55
C CYS A 242 2.72 34.42 -23.17
N GLY A 243 3.74 34.22 -22.34
CA GLY A 243 5.02 33.64 -22.82
C GLY A 243 5.04 32.12 -23.02
N ASN A 244 5.99 31.69 -23.83
CA ASN A 244 6.27 30.29 -24.06
C ASN A 244 7.65 29.87 -23.48
N ALA A 245 8.03 28.60 -23.69
CA ALA A 245 9.22 28.02 -23.14
C ALA A 245 9.94 27.38 -24.25
N LEU A 246 11.17 27.87 -24.49
CA LEU A 246 12.00 27.36 -25.60
C LEU A 246 13.33 26.86 -25.05
N TYR A 247 13.37 25.55 -24.73
CA TYR A 247 14.50 24.96 -23.96
C TYR A 247 14.68 25.79 -22.68
N GLU A 248 13.53 26.08 -22.07
CA GLU A 248 13.41 26.65 -20.74
C GLU A 248 12.39 25.78 -19.96
N THR A 249 12.43 25.82 -18.65
CA THR A 249 11.56 25.03 -17.85
C THR A 249 10.13 25.56 -18.07
N PRO A 250 9.24 24.67 -18.48
CA PRO A 250 7.87 25.09 -18.79
C PRO A 250 6.98 25.00 -17.59
N THR A 251 5.85 25.70 -17.63
CA THR A 251 4.86 25.66 -16.56
C THR A 251 3.45 25.73 -17.18
N ALA A 252 2.45 25.30 -16.42
CA ALA A 252 1.04 25.50 -16.73
C ALA A 252 0.38 26.53 -15.80
N VAL A 253 0.27 27.77 -16.32
CA VAL A 253 -0.45 28.86 -15.65
C VAL A 253 -1.48 29.47 -16.58
N LEU A 254 -2.69 29.57 -16.08
CA LEU A 254 -3.78 30.25 -16.79
C LEU A 254 -4.27 31.40 -15.90
N GLN A 255 -5.02 32.33 -16.52
CA GLN A 255 -5.70 33.38 -15.73
C GLN A 255 -7.14 33.58 -16.15
N TYR A 256 -8.03 33.50 -15.17
CA TYR A 256 -9.43 33.91 -15.33
C TYR A 256 -9.64 35.22 -14.55
N ARG A 257 -10.38 36.15 -15.18
CA ARG A 257 -10.72 37.41 -14.50
C ARG A 257 -12.22 37.41 -14.45
N ARG A 258 -12.73 37.57 -13.26
CA ARG A 258 -14.14 37.49 -13.01
C ARG A 258 -14.56 38.58 -12.03
N GLU A 259 -15.70 39.20 -12.30
CA GLU A 259 -16.44 39.92 -11.26
C GLU A 259 -17.51 39.00 -10.76
N LEU A 260 -17.56 38.77 -9.44
CA LEU A 260 -18.54 37.87 -8.87
C LEU A 260 -19.52 38.62 -7.97
N ALA A 261 -20.81 38.38 -8.24
CA ALA A 261 -21.91 38.94 -7.45
C ALA A 261 -21.92 38.36 -6.06
N ALA A 262 -22.63 39.01 -5.16
CA ALA A 262 -22.72 38.53 -3.78
C ALA A 262 -23.28 37.15 -3.82
N GLN A 263 -22.68 36.22 -3.08
CA GLN A 263 -23.06 34.80 -3.13
C GLN A 263 -22.86 34.04 -4.44
N GLU A 264 -22.39 34.65 -5.50
CA GLU A 264 -22.23 33.95 -6.76
C GLU A 264 -21.00 32.96 -6.70
N GLN A 265 -21.20 31.79 -7.28
CA GLN A 265 -20.16 30.79 -7.41
C GLN A 265 -20.00 30.47 -8.87
N GLN A 266 -18.76 30.28 -9.29
CA GLN A 266 -18.48 29.71 -10.59
C GLN A 266 -17.60 28.47 -10.48
N THR A 267 -17.75 27.61 -11.47
CA THR A 267 -17.03 26.35 -11.59
C THR A 267 -16.14 26.32 -12.81
N PHE A 268 -14.90 25.84 -12.67
CA PHE A 268 -13.96 25.69 -13.79
C PHE A 268 -13.41 24.26 -13.77
N ARG A 269 -13.32 23.65 -14.93
CA ARG A 269 -12.81 22.29 -15.05
C ARG A 269 -11.52 22.32 -15.84
N PHE A 270 -10.62 21.42 -15.47
CA PHE A 270 -9.36 21.17 -16.17
C PHE A 270 -9.03 19.67 -16.11
N ILE A 271 -8.22 19.25 -17.08
CA ILE A 271 -7.54 17.98 -17.04
C ILE A 271 -6.00 18.19 -17.20
N PHE A 272 -5.25 17.30 -16.55
CA PHE A 272 -3.79 17.35 -16.42
C PHE A 272 -3.25 15.93 -16.55
N GLY A 273 -2.22 15.74 -17.35
CA GLY A 273 -1.67 14.42 -17.62
C GLY A 273 -0.72 14.30 -18.76
N PRO A 274 -0.34 13.07 -19.10
CA PRO A 274 0.60 12.82 -20.20
C PRO A 274 -0.09 12.51 -21.49
N ALA A 275 0.57 12.85 -22.58
CA ALA A 275 0.11 12.46 -23.91
C ALA A 275 1.27 12.21 -24.86
N PHE A 276 1.04 11.30 -25.78
CA PHE A 276 1.97 11.05 -26.87
C PHE A 276 2.01 12.25 -27.80
N ASP A 277 0.86 12.83 -28.08
CA ASP A 277 0.70 13.93 -29.05
C ASP A 277 -0.55 14.74 -28.70
N GLU A 278 -0.72 15.79 -29.45
CA GLU A 278 -1.86 16.68 -29.27
C GLU A 278 -3.17 15.92 -29.49
N SER A 279 -3.16 15.03 -30.47
CA SER A 279 -4.33 14.23 -30.80
C SER A 279 -4.89 13.40 -29.60
N GLU A 280 -3.95 12.86 -28.78
CA GLU A 280 -4.33 12.12 -27.58
C GLU A 280 -4.83 13.09 -26.53
N ALA A 281 -4.22 14.26 -26.39
CA ALA A 281 -4.72 15.15 -25.42
C ALA A 281 -6.18 15.55 -25.74
N ILE A 282 -6.45 15.77 -27.00
CA ILE A 282 -7.78 16.16 -27.48
C ILE A 282 -8.81 15.00 -27.32
N ALA A 283 -8.40 13.78 -27.64
CA ALA A 283 -9.19 12.59 -27.35
C ALA A 283 -9.59 12.56 -25.88
N LEU A 284 -8.66 12.81 -24.96
CA LEU A 284 -9.01 12.83 -23.54
C LEU A 284 -9.94 13.99 -23.18
N ARG A 285 -9.64 15.16 -23.73
CA ARG A 285 -10.51 16.35 -23.58
C ARG A 285 -11.97 16.04 -23.97
N ASN A 286 -12.19 15.53 -25.18
CA ASN A 286 -13.52 15.18 -25.63
C ASN A 286 -14.21 14.17 -24.69
N LYS A 287 -13.44 13.14 -24.28
CA LYS A 287 -13.94 12.11 -23.37
C LYS A 287 -14.28 12.63 -22.00
N TYR A 288 -13.47 13.52 -21.42
CA TYR A 288 -13.64 13.85 -20.00
C TYR A 288 -13.97 15.26 -19.63
N LEU A 289 -13.57 16.24 -20.45
CA LEU A 289 -13.54 17.62 -19.93
C LEU A 289 -14.89 18.30 -20.18
N SER A 290 -15.84 17.99 -19.29
CA SER A 290 -17.24 18.47 -19.27
C SER A 290 -17.85 18.01 -17.96
N ALA A 291 -18.94 18.65 -17.51
CA ALA A 291 -19.77 18.15 -16.41
C ALA A 291 -20.16 16.70 -16.61
N GLU A 292 -20.59 16.37 -17.82
CA GLU A 292 -20.97 14.98 -18.17
C GLU A 292 -19.77 14.01 -18.12
N GLY A 293 -18.58 14.41 -18.61
CA GLY A 293 -17.40 13.50 -18.58
C GLY A 293 -16.96 13.26 -17.15
N PHE A 294 -17.01 14.28 -16.34
CA PHE A 294 -16.67 14.17 -14.95
C PHE A 294 -17.65 13.29 -14.26
N ALA A 295 -18.95 13.46 -14.54
CA ALA A 295 -19.94 12.65 -13.84
C ALA A 295 -19.84 11.19 -14.23
N LYS A 296 -19.75 10.88 -15.51
CA LYS A 296 -19.61 9.52 -15.94
C LYS A 296 -18.33 8.89 -15.36
N ALA A 297 -17.23 9.61 -15.40
CA ALA A 297 -16.00 9.06 -14.78
C ALA A 297 -16.19 8.80 -13.24
N LYS A 298 -16.76 9.73 -12.53
CA LYS A 298 -16.94 9.56 -11.12
C LYS A 298 -17.80 8.32 -10.88
N SER A 299 -18.82 8.10 -11.70
CA SER A 299 -19.72 7.03 -11.32
C SER A 299 -19.10 5.68 -11.73
N GLU A 300 -18.34 5.64 -12.82
CA GLU A 300 -17.56 4.43 -13.16
C GLU A 300 -16.47 4.12 -12.10
N TYR A 301 -15.91 5.16 -11.53
CA TYR A 301 -14.87 4.99 -10.56
C TYR A 301 -15.42 4.49 -9.20
N GLN A 302 -16.55 5.06 -8.77
CA GLN A 302 -17.27 4.54 -7.60
C GLN A 302 -17.64 3.09 -7.71
N THR A 303 -18.11 2.71 -8.87
CA THR A 303 -18.42 1.34 -9.14
C THR A 303 -17.17 0.40 -9.06
N TYR A 304 -16.03 0.88 -9.57
CA TYR A 304 -14.76 0.14 -9.48
C TYR A 304 -14.39 -0.06 -7.99
N ILE A 305 -14.43 0.99 -7.16
CA ILE A 305 -14.08 0.90 -5.75
C ILE A 305 -15.08 -0.02 -5.03
N THR A 306 -16.35 0.16 -5.37
CA THR A 306 -17.41 -0.69 -4.79
C THR A 306 -17.17 -2.17 -5.10
N SER A 307 -16.77 -2.49 -6.32
CA SER A 307 -16.53 -3.87 -6.71
C SER A 307 -15.41 -4.51 -5.85
N GLY A 308 -14.57 -3.68 -5.27
CA GLY A 308 -13.51 -4.13 -4.36
C GLY A 308 -13.77 -3.91 -2.90
N LYS A 309 -15.04 -3.88 -2.51
CA LYS A 309 -15.37 -3.48 -1.13
C LYS A 309 -15.10 -4.58 -0.14
N GLY A 310 -15.02 -5.81 -0.59
CA GLY A 310 -14.60 -6.81 0.39
C GLY A 310 -15.78 -7.49 1.11
N CYS A 311 -15.45 -8.25 2.12
CA CYS A 311 -16.31 -9.26 2.63
C CYS A 311 -16.65 -9.05 4.12
N LEU A 312 -16.36 -7.88 4.69
CA LEU A 312 -16.53 -7.70 6.12
C LEU A 312 -16.84 -6.25 6.49
N GLN A 313 -18.00 -6.03 7.09
CA GLN A 313 -18.33 -4.72 7.67
C GLN A 313 -18.51 -5.00 9.16
N ILE A 314 -18.05 -4.10 10.02
CA ILE A 314 -17.98 -4.39 11.43
C ILE A 314 -18.65 -3.28 12.19
N ASN A 315 -19.12 -3.57 13.38
CA ASN A 315 -19.66 -2.56 14.26
C ASN A 315 -19.30 -2.94 15.71
N THR A 316 -18.16 -2.41 16.16
CA THR A 316 -17.58 -2.67 17.44
C THR A 316 -17.72 -1.44 18.31
N PRO A 317 -17.38 -1.57 19.60
CA PRO A 317 -17.32 -0.40 20.48
C PRO A 317 -16.16 0.58 20.13
N ASP A 318 -15.20 0.20 19.27
CA ASP A 318 -14.17 1.15 18.85
C ASP A 318 -14.59 1.84 17.51
N PRO A 319 -15.10 3.08 17.58
CA PRO A 319 -15.49 3.75 16.33
C PRO A 319 -14.26 4.09 15.36
N GLU A 320 -13.05 4.19 15.89
CA GLU A 320 -11.88 4.41 14.97
C GLU A 320 -11.62 3.12 14.19
N LEU A 321 -11.61 2.00 14.86
CA LEU A 321 -11.46 0.74 14.15
C LEU A 321 -12.55 0.51 13.17
N ASN A 322 -13.81 0.74 13.56
CA ASN A 322 -14.93 0.54 12.62
C ASN A 322 -14.68 1.25 11.29
N ASN A 323 -14.43 2.54 11.39
CA ASN A 323 -14.22 3.45 10.24
C ASN A 323 -13.07 2.99 9.40
N PHE A 324 -11.98 2.63 10.06
CA PHE A 324 -10.80 2.18 9.32
C PHE A 324 -11.08 0.91 8.57
N VAL A 325 -11.58 -0.08 9.29
CA VAL A 325 -11.87 -1.42 8.68
C VAL A 325 -12.94 -1.38 7.63
N ASN A 326 -13.97 -0.60 7.87
CA ASN A 326 -15.07 -0.60 6.95
C ASN A 326 -14.79 0.19 5.67
N HIS A 327 -14.09 1.31 5.80
CA HIS A 327 -14.01 2.31 4.73
C HIS A 327 -12.66 2.41 4.02
N TRP A 328 -11.58 2.15 4.74
CA TRP A 328 -10.21 2.38 4.26
C TRP A 328 -9.39 1.12 3.94
N LEU A 329 -9.49 0.10 4.79
CA LEU A 329 -8.74 -1.12 4.62
C LEU A 329 -9.04 -1.84 3.33
N PRO A 330 -10.33 -2.03 2.99
CA PRO A 330 -10.57 -2.82 1.77
C PRO A 330 -10.04 -2.15 0.49
N ARG A 331 -10.20 -0.82 0.35
CA ARG A 331 -9.63 -0.17 -0.83
C ARG A 331 -8.10 -0.35 -0.91
N GLN A 332 -7.42 -0.30 0.22
CA GLN A 332 -5.96 -0.49 0.24
C GLN A 332 -5.57 -1.90 -0.09
N VAL A 333 -6.35 -2.91 0.31
CA VAL A 333 -6.09 -4.27 -0.14
C VAL A 333 -6.31 -4.41 -1.60
N PHE A 334 -7.43 -3.87 -2.04
CA PHE A 334 -7.83 -4.02 -3.41
C PHE A 334 -6.79 -3.40 -4.36
N TYR A 335 -6.26 -2.24 -4.02
CA TYR A 335 -5.19 -1.55 -4.84
C TYR A 335 -4.01 -2.50 -5.13
N HIS A 336 -3.54 -3.17 -4.08
CA HIS A 336 -2.41 -4.06 -4.21
C HIS A 336 -2.64 -5.17 -5.19
N GLY A 337 -3.74 -5.89 -5.10
CA GLY A 337 -3.89 -7.05 -5.98
C GLY A 337 -4.41 -6.69 -7.34
N ASP A 338 -5.16 -5.58 -7.38
CA ASP A 338 -5.78 -5.25 -8.63
C ASP A 338 -4.74 -4.71 -9.63
N VAL A 339 -3.80 -3.90 -9.16
CA VAL A 339 -2.72 -3.37 -10.06
C VAL A 339 -1.27 -3.75 -9.71
N ASN A 340 -1.07 -4.57 -8.64
CA ASN A 340 0.21 -5.14 -8.35
C ASN A 340 1.29 -4.08 -8.18
N ARG A 341 0.90 -3.02 -7.50
CA ARG A 341 1.80 -1.94 -7.19
C ARG A 341 2.43 -1.22 -8.40
N LEU A 342 1.82 -1.32 -9.59
CA LEU A 342 2.24 -0.64 -10.80
C LEU A 342 3.74 -0.85 -11.05
N THR A 343 4.13 -2.12 -11.13
CA THR A 343 5.44 -2.58 -11.62
C THR A 343 5.17 -3.70 -12.57
N THR A 344 5.96 -3.84 -13.63
CA THR A 344 5.82 -4.98 -14.54
C THR A 344 6.57 -6.26 -14.02
N ASP A 345 7.33 -6.14 -12.93
CA ASP A 345 8.05 -7.29 -12.32
C ASP A 345 7.86 -7.23 -10.80
N PRO A 346 6.62 -7.47 -10.35
CA PRO A 346 6.48 -7.55 -8.88
C PRO A 346 7.43 -8.58 -8.27
N GLN A 347 7.96 -8.24 -7.13
CA GLN A 347 8.71 -9.19 -6.35
C GLN A 347 7.75 -10.40 -6.10
N THR A 348 8.23 -11.59 -6.23
CA THR A 348 7.41 -12.79 -6.12
C THR A 348 6.61 -12.89 -4.83
N ARG A 349 7.24 -12.57 -3.72
CA ARG A 349 6.58 -12.63 -2.45
C ARG A 349 5.50 -11.57 -2.33
N ASN A 350 5.70 -10.42 -2.99
CA ASN A 350 4.65 -9.41 -3.09
C ASN A 350 3.46 -9.82 -3.99
N TYR A 351 3.76 -10.33 -5.14
CA TYR A 351 2.76 -10.79 -6.02
C TYR A 351 1.85 -11.77 -5.29
N ILE A 352 2.47 -12.74 -4.60
CA ILE A 352 1.74 -13.82 -3.99
C ILE A 352 0.94 -13.29 -2.80
N GLN A 353 1.55 -12.53 -1.89
CA GLN A 353 0.89 -12.03 -0.71
C GLN A 353 -0.20 -10.94 -1.07
N ASP A 354 0.08 -10.03 -2.02
CA ASP A 354 -0.91 -9.02 -2.44
C ASP A 354 -2.16 -9.72 -2.99
N ASN A 355 -1.93 -10.76 -3.80
CA ASN A 355 -3.02 -11.51 -4.34
C ASN A 355 -3.78 -12.40 -3.33
N MET A 356 -3.08 -12.83 -2.29
CA MET A 356 -3.70 -13.55 -1.20
C MET A 356 -4.86 -12.72 -0.66
N GLY A 357 -4.59 -11.46 -0.43
CA GLY A 357 -5.59 -10.47 -0.02
C GLY A 357 -6.87 -10.38 -0.86
N MET A 358 -6.70 -10.56 -2.17
CA MET A 358 -7.78 -10.58 -3.11
C MET A 358 -8.71 -11.77 -2.95
N SER A 359 -8.27 -12.83 -2.28
CA SER A 359 -9.16 -13.95 -1.89
C SER A 359 -10.42 -13.47 -1.24
N TYR A 360 -10.32 -12.44 -0.44
CA TYR A 360 -11.44 -11.85 0.28
C TYR A 360 -12.18 -10.71 -0.49
N ILE A 361 -11.82 -10.48 -1.76
CA ILE A 361 -12.29 -9.33 -2.55
C ILE A 361 -12.72 -9.80 -3.91
N LYS A 362 -11.80 -10.31 -4.72
CA LYS A 362 -12.15 -10.91 -6.02
C LYS A 362 -11.26 -12.07 -6.15
N PRO A 363 -11.71 -13.23 -5.59
CA PRO A 363 -10.89 -14.40 -5.55
C PRO A 363 -10.49 -14.91 -6.91
N ASN A 364 -11.22 -14.62 -7.96
CA ASN A 364 -10.72 -15.07 -9.23
C ASN A 364 -9.40 -14.42 -9.70
N ILE A 365 -9.15 -13.22 -9.23
CA ILE A 365 -7.84 -12.57 -9.51
C ILE A 365 -6.78 -13.37 -8.73
N THR A 366 -7.08 -13.79 -7.50
CA THR A 366 -6.13 -14.65 -6.79
C THR A 366 -5.79 -15.89 -7.58
N ARG A 367 -6.82 -16.53 -8.06
CA ARG A 367 -6.65 -17.80 -8.74
C ARG A 367 -5.76 -17.63 -9.96
N GLN A 368 -6.04 -16.59 -10.74
CA GLN A 368 -5.25 -16.25 -11.91
C GLN A 368 -3.75 -15.96 -11.53
N ALA A 369 -3.54 -15.30 -10.41
CA ALA A 369 -2.24 -14.98 -9.91
C ALA A 369 -1.42 -16.26 -9.63
N PHE A 370 -2.04 -17.28 -9.03
CA PHE A 370 -1.34 -18.55 -8.82
C PHE A 370 -0.98 -19.21 -10.12
N LEU A 371 -1.86 -19.14 -11.10
CA LEU A 371 -1.58 -19.75 -12.38
C LEU A 371 -0.40 -19.02 -13.13
N HIS A 372 -0.46 -17.68 -13.06
CA HIS A 372 0.53 -16.86 -13.72
C HIS A 372 1.90 -17.03 -13.07
N ALA A 373 1.97 -16.93 -11.75
CA ALA A 373 3.20 -17.14 -11.04
C ALA A 373 3.83 -18.52 -11.30
N LEU A 374 3.02 -19.56 -11.20
CA LEU A 374 3.54 -20.89 -11.33
C LEU A 374 3.99 -21.20 -12.78
N SER A 375 3.46 -20.52 -13.80
CA SER A 375 3.91 -20.69 -15.14
C SER A 375 5.35 -20.17 -15.34
N GLN A 376 5.85 -19.40 -14.38
CA GLN A 376 7.21 -18.84 -14.41
C GLN A 376 8.12 -19.58 -13.40
N GLN A 377 7.60 -20.63 -12.75
CA GLN A 377 8.47 -21.51 -11.95
C GLN A 377 9.55 -22.16 -12.83
N GLU A 378 10.75 -22.25 -12.26
CA GLU A 378 11.91 -22.90 -12.91
C GLU A 378 11.76 -24.39 -12.81
N GLU A 379 12.31 -25.08 -13.80
CA GLU A 379 12.23 -26.55 -13.88
C GLU A 379 12.75 -27.27 -12.62
N SER A 380 13.68 -26.67 -11.91
CA SER A 380 14.14 -27.23 -10.64
C SER A 380 13.12 -27.16 -9.51
N GLY A 381 11.99 -26.50 -9.76
CA GLY A 381 11.10 -26.20 -8.64
C GLY A 381 11.33 -24.86 -7.97
N ALA A 382 12.52 -24.27 -8.10
CA ALA A 382 12.76 -22.93 -7.55
C ALA A 382 11.83 -21.89 -8.23
N MET A 383 11.42 -20.88 -7.48
CA MET A 383 10.61 -19.76 -8.06
C MET A 383 11.58 -18.57 -8.29
N PRO A 384 11.34 -17.79 -9.34
CA PRO A 384 12.15 -16.63 -9.62
C PRO A 384 11.95 -15.56 -8.63
N ASP A 385 12.87 -14.59 -8.60
CA ASP A 385 12.74 -13.49 -7.62
C ASP A 385 11.54 -12.56 -7.93
N GLY A 386 11.14 -12.49 -9.19
CA GLY A 386 10.09 -11.61 -9.61
C GLY A 386 9.22 -12.35 -10.55
N ILE A 387 7.95 -11.88 -10.62
CA ILE A 387 7.01 -12.32 -11.65
C ILE A 387 6.82 -11.28 -12.75
N LEU A 388 6.97 -11.69 -13.99
CA LEU A 388 6.86 -10.77 -15.13
C LEU A 388 5.38 -10.67 -15.53
N LEU A 389 4.85 -9.46 -15.62
CA LEU A 389 3.43 -9.26 -15.93
C LEU A 389 3.25 -8.85 -17.34
N LEU A 390 4.33 -8.76 -18.11
CA LEU A 390 4.21 -8.31 -19.49
C LEU A 390 5.30 -8.96 -20.31
N GLU A 391 4.99 -9.43 -21.51
CA GLU A 391 6.03 -9.86 -22.45
C GLU A 391 7.09 -8.73 -22.70
N GLY A 392 8.33 -9.08 -22.56
CA GLY A 392 9.40 -8.12 -22.67
C GLY A 392 9.84 -7.46 -21.39
N ALA A 393 9.04 -7.46 -20.32
CA ALA A 393 9.54 -6.86 -19.07
C ALA A 393 10.76 -7.68 -18.57
N GLU A 394 11.44 -7.08 -17.64
CA GLU A 394 12.64 -7.62 -17.08
C GLU A 394 12.64 -7.45 -15.61
N LEU A 395 13.39 -8.29 -14.94
CA LEU A 395 13.58 -8.12 -13.51
C LEU A 395 14.47 -6.88 -13.24
N LYS A 396 14.11 -6.08 -12.24
CA LYS A 396 14.77 -4.81 -11.96
C LYS A 396 15.06 -4.74 -10.51
N TYR A 397 16.03 -3.90 -10.18
CA TYR A 397 16.40 -3.60 -8.82
C TYR A 397 16.64 -4.87 -8.00
N ILE A 398 15.96 -5.02 -6.87
CA ILE A 398 16.24 -6.12 -5.92
C ILE A 398 15.99 -7.46 -6.58
N ASN A 399 15.09 -7.50 -7.55
CA ASN A 399 14.81 -8.76 -8.26
C ASN A 399 16.00 -9.35 -9.01
N GLN A 400 17.08 -8.57 -9.17
CA GLN A 400 18.34 -9.08 -9.81
C GLN A 400 19.32 -9.67 -8.78
N ILE A 401 19.05 -9.46 -7.51
CA ILE A 401 19.92 -9.87 -6.44
C ILE A 401 19.34 -11.19 -5.83
N PRO A 402 20.14 -12.29 -5.86
CA PRO A 402 19.56 -13.62 -5.53
C PRO A 402 19.07 -13.68 -4.07
N HIS A 403 17.75 -13.85 -3.93
CA HIS A 403 17.13 -14.08 -2.63
C HIS A 403 16.53 -15.47 -2.70
N THR A 404 16.25 -16.07 -1.54
CA THR A 404 15.99 -17.53 -1.57
C THR A 404 14.60 -18.00 -1.04
N ASP A 405 13.77 -17.06 -0.57
CA ASP A 405 12.56 -17.40 0.17
C ASP A 405 11.31 -17.58 -0.68
N HIS A 406 11.42 -17.38 -1.99
CA HIS A 406 10.27 -17.11 -2.87
C HIS A 406 9.19 -18.24 -2.85
N CYS A 407 9.63 -19.50 -2.80
CA CYS A 407 8.75 -20.68 -2.75
C CYS A 407 7.84 -20.78 -1.51
N VAL A 408 8.29 -20.24 -0.41
CA VAL A 408 7.62 -20.31 0.84
C VAL A 408 6.19 -19.77 0.78
N TRP A 409 6.02 -18.72 -0.01
CA TRP A 409 4.78 -18.00 -0.02
C TRP A 409 3.67 -18.79 -0.65
N LEU A 410 4.05 -19.73 -1.51
CA LEU A 410 3.11 -20.46 -2.29
C LEU A 410 2.03 -21.18 -1.40
N PRO A 411 2.41 -22.16 -0.56
CA PRO A 411 1.41 -22.82 0.33
C PRO A 411 0.93 -21.94 1.43
N VAL A 412 1.76 -21.03 1.91
CA VAL A 412 1.30 -20.11 2.97
C VAL A 412 0.06 -19.28 2.56
N CYS A 413 0.12 -18.75 1.32
CA CYS A 413 -0.92 -17.87 0.77
C CYS A 413 -2.02 -18.68 0.11
N MET A 414 -1.69 -19.77 -0.54
CA MET A 414 -2.69 -20.65 -1.08
C MET A 414 -3.64 -21.18 0.01
N GLN A 415 -3.16 -21.41 1.20
CA GLN A 415 -4.00 -21.85 2.27
C GLN A 415 -5.21 -20.90 2.46
N ALA A 416 -4.93 -19.61 2.52
CA ALA A 416 -5.96 -18.55 2.61
C ALA A 416 -6.96 -18.69 1.47
N TYR A 417 -6.44 -18.87 0.26
CA TYR A 417 -7.31 -19.01 -0.92
C TYR A 417 -8.27 -20.24 -0.78
N LEU A 418 -7.72 -21.35 -0.33
CA LEU A 418 -8.48 -22.62 -0.30
C LEU A 418 -9.52 -22.57 0.85
N ASP A 419 -9.12 -22.03 2.00
CA ASP A 419 -10.05 -21.84 3.07
C ASP A 419 -11.19 -20.94 2.66
N GLU A 420 -10.88 -19.86 1.97
CA GLU A 420 -11.93 -18.89 1.61
C GLU A 420 -12.90 -19.40 0.55
N THR A 421 -12.38 -20.07 -0.47
CA THR A 421 -13.14 -20.40 -1.62
C THR A 421 -13.47 -21.85 -1.79
N ASN A 422 -12.72 -22.72 -1.18
CA ASN A 422 -12.85 -24.15 -1.45
C ASN A 422 -12.47 -24.59 -2.82
N ASP A 423 -11.65 -23.80 -3.53
CA ASP A 423 -11.34 -24.12 -4.91
C ASP A 423 -10.07 -25.04 -4.99
N TYR A 424 -10.21 -26.27 -4.47
CA TYR A 424 -9.23 -27.33 -4.57
C TYR A 424 -9.08 -27.70 -6.00
N ALA A 425 -10.10 -27.40 -6.83
CA ALA A 425 -9.99 -27.74 -8.26
C ALA A 425 -8.90 -26.95 -9.05
N LEU A 426 -8.49 -25.79 -8.55
CA LEU A 426 -7.28 -25.03 -9.07
C LEU A 426 -6.04 -25.91 -9.11
N LEU A 427 -5.91 -26.75 -8.09
CA LEU A 427 -4.84 -27.68 -8.03
C LEU A 427 -4.70 -28.62 -9.19
N ASP A 428 -5.76 -28.82 -9.95
CA ASP A 428 -5.71 -29.71 -11.13
C ASP A 428 -5.43 -28.95 -12.42
N GLU A 429 -5.41 -27.61 -12.37
CA GLU A 429 -5.08 -26.81 -13.59
C GLU A 429 -3.65 -27.09 -14.08
N ILE A 430 -3.47 -27.18 -15.36
CA ILE A 430 -2.16 -27.53 -15.96
C ILE A 430 -1.46 -26.22 -16.35
N VAL A 431 -0.21 -26.07 -16.00
CA VAL A 431 0.49 -24.85 -16.28
C VAL A 431 1.90 -25.22 -16.72
N PRO A 432 2.51 -24.48 -17.67
CA PRO A 432 3.96 -24.75 -17.95
C PRO A 432 4.89 -24.25 -16.89
N TYR A 433 6.16 -24.49 -17.16
CA TYR A 433 7.25 -23.89 -16.43
C TYR A 433 7.92 -22.77 -17.28
N ALA A 434 8.92 -22.13 -16.69
CA ALA A 434 9.58 -20.97 -17.28
C ALA A 434 10.33 -21.37 -18.53
N SER A 435 10.97 -22.53 -18.50
CA SER A 435 11.64 -23.16 -19.66
C SER A 435 11.23 -24.63 -19.78
N GLY A 436 11.52 -25.22 -20.95
CA GLY A 436 11.14 -26.61 -21.25
C GLY A 436 9.68 -26.76 -21.73
N GLU A 437 9.41 -27.96 -22.21
CA GLU A 437 8.13 -28.38 -22.78
C GLU A 437 7.15 -29.07 -21.74
N LYS A 438 7.47 -29.00 -20.44
CA LYS A 438 6.85 -29.78 -19.34
C LYS A 438 5.65 -28.94 -18.89
N ARG A 439 4.46 -29.50 -18.92
CA ARG A 439 3.23 -28.88 -18.40
C ARG A 439 2.69 -29.83 -17.33
N GLU A 440 2.45 -29.34 -16.12
CA GLU A 440 2.10 -30.16 -14.99
C GLU A 440 0.99 -29.42 -14.24
N THR A 441 0.33 -30.14 -13.34
CA THR A 441 -0.75 -29.54 -12.58
C THR A 441 -0.18 -28.56 -11.59
N VAL A 442 -1.03 -27.63 -11.19
CA VAL A 442 -0.65 -26.77 -10.09
C VAL A 442 -0.14 -27.55 -8.91
N GLU A 443 -0.79 -28.65 -8.63
CA GLU A 443 -0.41 -29.44 -7.43
C GLU A 443 1.05 -30.00 -7.56
N GLN A 444 1.40 -30.53 -8.73
CA GLN A 444 2.76 -31.04 -9.00
C GLN A 444 3.78 -29.87 -8.90
N HIS A 445 3.44 -28.70 -9.47
CA HIS A 445 4.27 -27.51 -9.23
C HIS A 445 4.50 -27.26 -7.80
N MET A 446 3.45 -27.31 -6.99
CA MET A 446 3.64 -27.00 -5.59
C MET A 446 4.56 -28.00 -4.89
N HIS A 447 4.44 -29.27 -5.29
CA HIS A 447 5.28 -30.32 -4.73
C HIS A 447 6.75 -29.96 -5.04
N HIS A 448 7.01 -29.62 -6.30
CA HIS A 448 8.37 -29.27 -6.74
C HIS A 448 8.93 -28.02 -6.05
N ALA A 449 8.08 -27.04 -5.72
CA ALA A 449 8.47 -25.93 -4.87
C ALA A 449 8.83 -26.36 -3.47
N MET A 450 8.07 -27.31 -2.92
CA MET A 450 8.40 -27.75 -1.56
C MET A 450 9.70 -28.61 -1.54
N ARG A 451 9.88 -29.46 -2.51
CA ARG A 451 11.14 -30.18 -2.70
C ARG A 451 12.32 -29.25 -2.91
N TRP A 452 12.17 -28.24 -3.77
CA TRP A 452 13.16 -27.16 -3.87
C TRP A 452 13.56 -26.63 -2.53
N LEU A 453 12.59 -26.28 -1.67
CA LEU A 453 12.95 -25.72 -0.35
C LEU A 453 13.68 -26.73 0.57
N LEU A 454 13.41 -28.01 0.35
CA LEU A 454 14.07 -29.07 1.15
C LEU A 454 15.46 -29.30 0.60
N GLN A 455 15.67 -29.24 -0.71
CA GLN A 455 16.98 -29.38 -1.24
C GLN A 455 17.86 -28.16 -0.93
N ALA A 456 17.30 -26.95 -0.82
CA ALA A 456 18.11 -25.70 -0.68
C ALA A 456 18.56 -25.48 0.73
N ARG A 457 19.17 -26.50 1.33
CA ARG A 457 19.54 -26.42 2.73
C ARG A 457 20.96 -26.98 2.88
N ASP A 458 21.64 -26.61 3.93
CA ASP A 458 23.06 -27.09 4.09
C ASP A 458 23.09 -28.39 4.89
N GLU A 459 24.30 -28.89 5.16
CA GLU A 459 24.53 -30.14 5.91
C GLU A 459 23.84 -30.17 7.27
N ARG A 460 23.70 -29.03 7.93
CA ARG A 460 22.94 -28.96 9.16
C ARG A 460 21.41 -28.99 8.98
N GLY A 461 20.91 -29.04 7.73
CA GLY A 461 19.47 -28.90 7.43
C GLY A 461 18.81 -27.52 7.55
N LEU A 462 19.59 -26.45 7.40
CA LEU A 462 19.10 -25.09 7.53
C LEU A 462 19.12 -24.43 6.16
N SER A 463 18.14 -23.54 5.95
CA SER A 463 17.91 -22.94 4.60
C SER A 463 19.05 -21.95 4.20
N PHE A 464 19.65 -22.11 3.04
CA PHE A 464 20.58 -21.08 2.50
C PHE A 464 19.89 -19.74 2.34
N ILE A 465 20.64 -18.67 2.64
CA ILE A 465 20.14 -17.31 2.60
C ILE A 465 20.66 -16.51 1.37
N ALA A 466 21.76 -16.96 0.74
CA ALA A 466 22.38 -16.23 -0.35
C ALA A 466 22.47 -14.71 -0.02
N GLN A 467 21.96 -13.90 -0.93
CA GLN A 467 21.91 -12.46 -0.72
C GLN A 467 20.60 -11.90 -0.15
N GLY A 468 19.82 -12.78 0.47
CA GLY A 468 18.71 -12.35 1.29
C GLY A 468 17.52 -13.27 1.23
N ASP A 469 16.68 -13.09 2.23
CA ASP A 469 15.38 -13.78 2.30
C ASP A 469 14.26 -12.68 2.36
N TRP A 470 13.22 -12.85 3.21
CA TRP A 470 12.17 -11.89 3.32
C TRP A 470 12.75 -10.51 3.56
N CYS A 471 13.85 -10.41 4.28
CA CYS A 471 14.47 -9.10 4.58
C CYS A 471 15.35 -8.74 3.41
N ASP A 472 14.83 -7.83 2.57
CA ASP A 472 15.43 -7.64 1.25
C ASP A 472 16.93 -7.24 1.34
N PRO A 473 17.27 -6.30 2.20
CA PRO A 473 18.65 -5.86 2.28
C PRO A 473 19.57 -6.70 3.21
N MET A 474 19.12 -7.88 3.64
CA MET A 474 20.01 -8.75 4.47
C MET A 474 20.89 -9.56 3.52
N ASN A 475 21.92 -8.90 2.98
CA ASN A 475 22.60 -9.41 1.79
C ASN A 475 24.01 -10.04 2.01
N MET A 476 24.54 -9.99 3.21
CA MET A 476 25.91 -10.41 3.44
C MET A 476 26.03 -11.53 4.49
N VAL A 477 24.91 -12.19 4.83
CA VAL A 477 24.91 -13.34 5.70
C VAL A 477 25.42 -14.56 4.96
N GLY A 478 25.03 -14.68 3.69
CA GLY A 478 25.31 -15.84 2.93
C GLY A 478 25.80 -15.60 1.57
N TYR A 479 26.30 -14.37 1.30
CA TYR A 479 26.79 -14.07 -0.06
C TYR A 479 27.96 -14.94 -0.52
N LYS A 480 28.71 -15.53 0.40
CA LYS A 480 29.78 -16.50 0.02
C LYS A 480 29.28 -17.89 -0.19
N GLY A 481 27.99 -18.14 0.01
CA GLY A 481 27.41 -19.41 -0.38
C GLY A 481 27.27 -20.42 0.76
N LYS A 482 27.52 -20.00 1.99
CA LYS A 482 27.42 -20.91 3.10
C LYS A 482 26.43 -20.42 4.13
N GLY A 483 26.16 -19.13 4.22
CA GLY A 483 25.27 -18.59 5.27
C GLY A 483 23.83 -19.12 5.16
N VAL A 484 23.15 -19.15 6.28
CA VAL A 484 21.83 -19.76 6.32
C VAL A 484 20.92 -18.85 7.07
N SER A 485 19.62 -18.98 6.74
CA SER A 485 18.58 -18.20 7.49
C SER A 485 17.77 -19.05 8.55
N GLY A 486 17.68 -18.48 9.75
CA GLY A 486 16.83 -18.85 10.80
C GLY A 486 15.37 -18.59 10.42
N TRP A 487 15.04 -17.40 9.86
CA TRP A 487 13.67 -17.12 9.47
C TRP A 487 13.25 -18.08 8.37
N LEU A 488 14.05 -18.23 7.33
CA LEU A 488 13.62 -19.10 6.26
C LEU A 488 13.43 -20.57 6.69
N SER A 489 14.27 -21.02 7.60
CA SER A 489 14.16 -22.41 8.14
C SER A 489 12.80 -22.63 8.79
N VAL A 490 12.47 -21.78 9.75
CA VAL A 490 11.23 -21.91 10.42
C VAL A 490 10.03 -21.68 9.50
N ALA A 491 10.18 -20.76 8.52
CA ALA A 491 9.05 -20.51 7.64
C ALA A 491 8.90 -21.67 6.68
N THR A 492 10.01 -22.28 6.31
CA THR A 492 9.94 -23.45 5.43
C THR A 492 9.14 -24.62 6.13
N ALA A 493 9.27 -24.72 7.44
CA ALA A 493 8.65 -25.82 8.16
C ALA A 493 7.13 -25.57 8.20
N TYR A 494 6.74 -24.32 8.41
CA TYR A 494 5.33 -23.89 8.26
C TYR A 494 4.73 -24.18 6.93
N ALA A 495 5.44 -23.78 5.89
CA ALA A 495 4.98 -24.04 4.57
C ALA A 495 4.77 -25.48 4.34
N LEU A 496 5.73 -26.29 4.82
CA LEU A 496 5.70 -27.75 4.54
C LEU A 496 4.49 -28.39 5.30
N ASN A 497 4.26 -27.99 6.54
CA ASN A 497 3.12 -28.42 7.28
C ASN A 497 1.76 -28.05 6.62
N LEU A 498 1.62 -26.82 6.12
CA LEU A 498 0.36 -26.41 5.46
C LEU A 498 0.18 -27.23 4.23
N TRP A 499 1.22 -27.36 3.44
CA TRP A 499 1.09 -28.10 2.21
C TRP A 499 0.85 -29.60 2.46
N ALA A 500 1.47 -30.16 3.52
CA ALA A 500 1.17 -31.55 3.88
C ALA A 500 -0.33 -31.70 4.23
N ASP A 501 -0.92 -30.74 4.93
CA ASP A 501 -2.38 -30.79 5.11
C ASP A 501 -3.18 -30.83 3.85
N VAL A 502 -2.78 -30.04 2.85
CA VAL A 502 -3.48 -30.00 1.59
C VAL A 502 -3.31 -31.33 0.90
N CYS A 503 -2.10 -31.87 0.93
CA CYS A 503 -1.86 -33.22 0.29
C CYS A 503 -2.77 -34.30 0.93
N GLU A 504 -2.96 -34.25 2.25
CA GLU A 504 -3.79 -35.19 2.95
C GLU A 504 -5.27 -35.02 2.50
N GLN A 505 -5.76 -33.79 2.57
CA GLN A 505 -7.07 -33.42 2.00
C GLN A 505 -7.26 -33.91 0.54
N ARG A 506 -6.19 -33.95 -0.26
CA ARG A 506 -6.26 -34.50 -1.64
C ARG A 506 -5.88 -35.96 -1.85
N GLN A 507 -5.68 -36.74 -0.77
CA GLN A 507 -5.24 -38.16 -0.86
C GLN A 507 -3.88 -38.35 -1.48
N GLN A 508 -2.98 -37.37 -1.31
CA GLN A 508 -1.63 -37.47 -1.79
C GLN A 508 -0.83 -37.76 -0.49
N ASN A 509 -0.87 -39.02 -0.06
CA ASN A 509 -0.41 -39.39 1.30
C ASN A 509 1.08 -39.58 1.44
N SER A 510 1.77 -40.06 0.41
CA SER A 510 3.25 -40.09 0.46
C SER A 510 3.78 -38.67 0.57
N CYS A 511 3.24 -37.77 -0.27
CA CYS A 511 3.65 -36.36 -0.23
C CYS A 511 3.43 -35.83 1.14
N ALA A 512 2.24 -36.10 1.72
CA ALA A 512 1.92 -35.54 3.03
C ALA A 512 3.00 -35.98 4.07
N ASN A 513 3.45 -37.22 3.92
CA ASN A 513 4.46 -37.74 4.84
C ASN A 513 5.82 -37.14 4.61
N GLU A 514 6.25 -37.18 3.34
CA GLU A 514 7.50 -36.53 2.89
C GLU A 514 7.61 -35.13 3.50
N PHE A 515 6.57 -34.33 3.39
CA PHE A 515 6.66 -32.89 3.75
C PHE A 515 6.55 -32.72 5.21
N ARG A 516 5.76 -33.58 5.89
CA ARG A 516 5.68 -33.49 7.35
C ARG A 516 7.02 -33.89 8.00
N GLN A 517 7.65 -34.89 7.41
CA GLN A 517 8.98 -35.35 7.90
C GLN A 517 10.01 -34.21 7.71
N GLY A 518 10.06 -33.71 6.46
CA GLY A 518 10.76 -32.44 6.07
C GLY A 518 10.70 -31.38 7.14
N ALA A 519 9.48 -31.04 7.53
CA ALA A 519 9.23 -30.01 8.52
C ALA A 519 9.76 -30.34 9.88
N LYS A 520 9.69 -31.62 10.24
CA LYS A 520 10.27 -32.12 11.52
C LYS A 520 11.78 -32.04 11.50
N ASP A 521 12.39 -32.48 10.41
CA ASP A 521 13.86 -32.35 10.26
C ASP A 521 14.28 -30.90 10.44
N ILE A 522 13.62 -29.99 9.71
CA ILE A 522 14.01 -28.58 9.77
C ILE A 522 13.84 -28.06 11.14
N ASN A 523 12.72 -28.32 11.78
CA ASN A 523 12.51 -27.78 13.10
C ASN A 523 13.55 -28.29 14.12
N ALA A 524 14.00 -29.53 13.93
CA ALA A 524 15.02 -30.18 14.78
C ALA A 524 16.31 -29.40 14.61
N ALA A 525 16.72 -29.24 13.34
CA ALA A 525 17.92 -28.42 13.02
C ALA A 525 17.81 -27.02 13.59
N VAL A 526 16.66 -26.39 13.49
CA VAL A 526 16.52 -25.05 14.10
C VAL A 526 16.69 -25.06 15.61
N ASN A 527 16.06 -26.04 16.21
CA ASN A 527 16.20 -26.21 17.64
C ASN A 527 17.65 -26.54 18.05
N LYS A 528 18.38 -27.31 17.26
CA LYS A 528 19.76 -27.56 17.57
C LYS A 528 20.71 -26.35 17.31
N HIS A 529 20.55 -25.63 16.20
CA HIS A 529 21.52 -24.60 15.77
C HIS A 529 21.10 -23.12 15.89
N ILE A 530 19.80 -22.79 15.96
CA ILE A 530 19.31 -21.42 15.94
C ILE A 530 18.75 -20.94 17.24
N TRP A 531 18.11 -21.85 17.97
CA TRP A 531 17.54 -21.47 19.25
C TRP A 531 18.65 -20.98 20.13
N ASP A 532 18.46 -19.87 20.82
CA ASP A 532 19.51 -19.16 21.53
C ASP A 532 19.22 -19.12 23.01
N GLY A 533 18.23 -19.87 23.49
CA GLY A 533 17.92 -19.90 24.92
C GLY A 533 16.70 -19.17 25.38
N GLU A 534 16.51 -17.92 24.95
CA GLU A 534 15.27 -17.18 25.23
C GLU A 534 14.42 -16.76 23.99
N TRP A 535 14.94 -17.09 22.80
CA TRP A 535 14.40 -16.70 21.48
C TRP A 535 15.23 -17.35 20.37
N PHE A 536 14.73 -17.31 19.16
CA PHE A 536 15.39 -17.96 18.02
C PHE A 536 16.27 -16.93 17.34
N GLY A 537 17.48 -17.32 16.98
CA GLY A 537 18.37 -16.42 16.27
C GLY A 537 17.93 -16.23 14.82
N ARG A 538 18.66 -15.39 14.11
CA ARG A 538 18.19 -14.90 12.76
C ARG A 538 18.85 -15.58 11.61
N GLY A 539 20.05 -16.07 11.83
CA GLY A 539 20.78 -16.76 10.77
C GLY A 539 22.20 -17.13 11.27
N ILE A 540 22.94 -17.82 10.44
CA ILE A 540 24.32 -18.15 10.74
C ILE A 540 25.06 -17.72 9.49
N THR A 541 26.08 -16.88 9.72
CA THR A 541 26.83 -16.24 8.60
C THR A 541 27.64 -17.24 7.85
N ASP A 542 28.19 -16.84 6.71
CA ASP A 542 29.07 -17.66 5.95
C ASP A 542 30.23 -18.25 6.78
N ASP A 543 30.73 -17.49 7.76
CA ASP A 543 31.82 -17.96 8.61
C ASP A 543 31.39 -18.65 9.88
N GLY A 544 30.12 -19.05 9.99
CA GLY A 544 29.61 -19.82 11.11
C GLY A 544 29.15 -19.12 12.36
N VAL A 545 28.98 -17.81 12.33
CA VAL A 545 28.49 -17.06 13.45
C VAL A 545 26.94 -16.93 13.44
N LEU A 546 26.32 -17.07 14.60
CA LEU A 546 24.90 -17.07 14.75
C LEU A 546 24.63 -15.68 15.24
N PHE A 547 23.76 -14.93 14.56
CA PHE A 547 23.48 -13.54 14.93
C PHE A 547 21.98 -13.47 15.27
N GLY A 548 21.51 -12.35 15.80
CA GLY A 548 20.19 -12.24 16.37
C GLY A 548 20.08 -12.92 17.72
N THR A 549 21.20 -12.93 18.48
CA THR A 549 21.34 -13.61 19.78
C THR A 549 21.60 -12.63 20.87
N SER A 550 21.58 -13.10 22.14
CA SER A 550 21.74 -12.22 23.31
C SER A 550 23.13 -11.66 23.46
N LYS A 551 24.12 -12.34 22.91
CA LYS A 551 25.50 -11.85 22.76
C LYS A 551 25.61 -10.60 21.86
N ASP A 552 24.65 -10.33 20.98
CA ASP A 552 24.77 -9.18 20.02
C ASP A 552 24.25 -7.90 20.64
N LYS A 553 24.99 -6.79 20.55
CA LYS A 553 24.50 -5.54 21.18
C LYS A 553 23.51 -4.81 20.30
N GLU A 554 23.66 -4.95 19.00
CA GLU A 554 22.68 -4.41 18.05
C GLU A 554 22.13 -5.60 17.33
N GLY A 555 20.84 -5.53 16.99
CA GLY A 555 20.22 -6.73 16.38
C GLY A 555 20.20 -7.93 17.29
N ARG A 556 19.92 -7.67 18.54
CA ARG A 556 19.91 -8.69 19.59
C ARG A 556 18.75 -9.70 19.46
N ILE A 557 17.56 -9.22 19.07
CA ILE A 557 16.39 -10.04 18.71
C ILE A 557 15.68 -9.46 17.46
N PHE A 558 15.40 -10.36 16.52
CA PHE A 558 14.52 -10.15 15.41
C PHE A 558 13.13 -10.77 15.67
N LEU A 559 12.08 -10.09 15.19
CA LEU A 559 10.69 -10.54 15.36
C LEU A 559 10.41 -11.77 14.57
N ASN A 560 10.87 -11.76 13.34
CA ASN A 560 10.42 -12.79 12.40
C ASN A 560 10.67 -14.24 12.76
N PRO A 561 11.89 -14.55 13.26
CA PRO A 561 12.16 -15.96 13.58
C PRO A 561 11.21 -16.46 14.71
N GLN A 562 10.78 -15.57 15.55
CA GLN A 562 9.84 -15.87 16.60
C GLN A 562 8.44 -16.17 16.04
N SER A 563 7.87 -15.20 15.28
CA SER A 563 6.57 -15.41 14.66
C SER A 563 6.49 -16.68 13.93
N TRP A 564 7.52 -16.96 13.13
CA TRP A 564 7.45 -18.05 12.24
C TRP A 564 7.84 -19.39 12.87
N ALA A 565 8.50 -19.36 14.01
CA ALA A 565 8.76 -20.59 14.78
C ALA A 565 7.44 -21.04 15.49
N ILE A 566 6.67 -20.06 15.95
CA ILE A 566 5.32 -20.31 16.45
C ILE A 566 4.53 -20.97 15.37
N LEU A 567 4.49 -20.41 14.17
CA LEU A 567 3.67 -21.00 13.11
C LEU A 567 4.11 -22.32 12.61
N GLY A 568 5.42 -22.48 12.44
CA GLY A 568 5.88 -23.66 11.75
C GLY A 568 6.15 -24.78 12.77
N GLY A 569 6.06 -24.50 14.05
CA GLY A 569 6.19 -25.51 15.08
C GLY A 569 7.56 -25.72 15.71
N ALA A 570 8.61 -24.97 15.32
CA ALA A 570 9.88 -25.01 16.05
C ALA A 570 9.71 -24.54 17.53
N ALA A 571 8.81 -23.63 17.77
CA ALA A 571 8.57 -23.16 19.09
C ALA A 571 7.54 -24.12 19.68
N ASP A 572 7.89 -24.89 20.72
CA ASP A 572 6.88 -25.60 21.51
C ASP A 572 6.30 -24.77 22.68
N GLU A 573 5.44 -25.43 23.41
CA GLU A 573 4.71 -24.93 24.59
C GLU A 573 5.70 -24.36 25.63
N GLN A 574 6.87 -24.99 25.71
CA GLN A 574 7.90 -24.52 26.64
C GLN A 574 8.51 -23.24 26.13
N LYS A 575 8.87 -23.21 24.85
CA LYS A 575 9.50 -22.01 24.26
C LYS A 575 8.58 -20.78 24.10
N ILE A 576 7.28 -20.97 23.79
CA ILE A 576 6.42 -19.84 23.45
C ILE A 576 6.41 -18.73 24.47
N PRO A 577 6.32 -19.07 25.77
CA PRO A 577 6.26 -17.91 26.69
C PRO A 577 7.60 -17.09 26.75
N CYS A 578 8.71 -17.74 26.38
CA CYS A 578 10.02 -17.02 26.30
C CYS A 578 9.97 -15.93 25.19
N LEU A 579 9.50 -16.38 24.03
CA LEU A 579 9.23 -15.53 22.86
C LEU A 579 8.41 -14.35 23.24
N LEU A 580 7.23 -14.57 23.80
CA LEU A 580 6.32 -13.47 24.13
C LEU A 580 6.95 -12.43 24.98
N ASP A 581 7.65 -12.87 26.05
CA ASP A 581 8.26 -11.90 26.99
C ASP A 581 9.47 -11.19 26.38
N ALA A 582 10.25 -11.94 25.62
CA ALA A 582 11.43 -11.35 24.91
C ALA A 582 10.97 -10.24 23.90
N VAL A 583 9.92 -10.57 23.13
CA VAL A 583 9.33 -9.65 22.19
C VAL A 583 8.76 -8.47 22.91
N GLU A 584 8.06 -8.69 24.00
CA GLU A 584 7.48 -7.56 24.71
C GLU A 584 8.53 -6.67 25.37
N GLN A 585 9.54 -7.27 25.95
CA GLN A 585 10.57 -6.44 26.59
C GLN A 585 11.48 -5.69 25.62
N GLN A 586 11.84 -6.28 24.51
CA GLN A 586 12.82 -5.63 23.64
C GLN A 586 12.24 -4.91 22.39
N LEU A 587 11.06 -5.35 21.94
CA LEU A 587 10.48 -4.94 20.62
C LEU A 587 9.19 -4.17 20.62
N GLU A 588 8.29 -4.39 21.61
CA GLU A 588 7.03 -3.68 21.64
C GLU A 588 7.20 -2.22 21.88
N THR A 589 6.39 -1.37 21.23
CA THR A 589 6.41 0.05 21.53
C THR A 589 5.00 0.56 21.54
N PRO A 590 4.78 1.78 21.98
CA PRO A 590 3.46 2.41 21.80
C PRO A 590 2.97 2.47 20.33
N TYR A 591 3.83 2.35 19.34
CA TYR A 591 3.39 2.50 17.93
C TYR A 591 3.27 1.15 17.27
N GLY A 592 3.55 0.12 18.06
CA GLY A 592 3.55 -1.26 17.58
C GLY A 592 4.90 -1.88 17.75
N VAL A 593 5.02 -3.11 17.24
CA VAL A 593 6.15 -3.93 17.48
C VAL A 593 7.29 -3.74 16.43
N MET A 594 8.51 -3.48 16.91
CA MET A 594 9.70 -3.28 16.05
C MET A 594 10.13 -4.63 15.53
N MET A 595 10.69 -4.62 14.33
CA MET A 595 11.10 -5.87 13.73
C MET A 595 12.44 -6.39 14.21
N LEU A 596 13.24 -5.51 14.82
CA LEU A 596 14.55 -5.92 15.41
C LEU A 596 14.93 -4.83 16.33
N ALA A 597 15.80 -5.18 17.28
CA ALA A 597 16.32 -4.18 18.26
C ALA A 597 17.50 -4.75 19.07
N PRO A 598 18.35 -3.86 19.59
CA PRO A 598 18.35 -2.41 19.19
C PRO A 598 18.72 -2.28 17.71
N ALA A 599 18.34 -1.16 17.13
CA ALA A 599 18.68 -0.91 15.73
C ALA A 599 20.20 -0.81 15.57
N PHE A 600 20.65 -1.24 14.41
CA PHE A 600 22.04 -1.13 14.01
C PHE A 600 22.42 0.29 13.74
N THR A 601 23.60 0.68 14.21
CA THR A 601 24.07 2.07 14.03
C THR A 601 25.30 2.09 13.15
N ALA A 602 25.87 0.94 12.76
CA ALA A 602 26.98 0.90 11.79
C ALA A 602 26.95 -0.37 11.00
N MET A 603 27.58 -0.35 9.83
CA MET A 603 27.70 -1.55 9.04
C MET A 603 28.16 -2.73 9.87
N ARG A 604 27.44 -3.82 9.77
CA ARG A 604 27.97 -5.10 10.18
C ARG A 604 28.03 -6.04 8.96
N ASP A 605 29.23 -6.24 8.42
CA ASP A 605 29.35 -6.80 7.10
C ASP A 605 29.26 -8.27 6.89
N ASP A 606 28.92 -9.02 7.94
CA ASP A 606 28.42 -10.40 7.83
C ASP A 606 26.87 -10.49 7.96
N VAL A 607 26.20 -9.32 8.10
CA VAL A 607 24.72 -9.20 8.01
C VAL A 607 24.36 -8.38 6.76
N GLY A 608 24.86 -7.14 6.70
CA GLY A 608 24.99 -6.44 5.41
C GLY A 608 24.20 -5.16 5.34
N ARG A 609 23.65 -4.87 4.15
CA ARG A 609 23.10 -3.50 3.89
C ARG A 609 21.97 -3.08 4.83
N VAL A 610 21.13 -4.06 5.24
CA VAL A 610 20.13 -3.70 6.30
C VAL A 610 20.71 -2.90 7.45
N THR A 611 21.93 -3.23 7.84
CA THR A 611 22.53 -2.55 9.01
C THR A 611 22.99 -1.10 8.79
N GLN A 612 23.04 -0.65 7.52
CA GLN A 612 23.45 0.74 7.17
C GLN A 612 22.30 1.66 6.99
N LYS A 613 21.07 1.13 7.04
CA LYS A 613 19.91 2.05 7.01
C LYS A 613 19.84 2.84 8.32
N PHE A 614 19.21 4.02 8.28
CA PHE A 614 19.22 4.81 9.47
C PHE A 614 18.48 4.04 10.60
N PRO A 615 18.99 4.08 11.85
CA PRO A 615 18.37 3.23 12.88
C PRO A 615 16.90 3.61 13.14
N GLY A 616 16.03 2.64 12.90
CA GLY A 616 14.58 2.83 13.10
C GLY A 616 13.80 3.14 11.82
N SER A 617 14.48 3.15 10.67
CA SER A 617 13.90 3.32 9.35
C SER A 617 13.86 1.99 8.69
N ALA A 618 12.73 1.65 8.11
CA ALA A 618 12.56 0.49 7.20
C ALA A 618 13.04 -0.75 7.94
N GLU A 619 13.81 -1.62 7.30
CA GLU A 619 14.15 -2.92 7.91
C GLU A 619 15.09 -2.84 9.12
N ASN A 620 15.76 -1.70 9.32
CA ASN A 620 16.61 -1.46 10.45
C ASN A 620 15.87 -0.99 11.62
N GLY A 621 15.12 -1.94 12.10
CA GLY A 621 14.39 -1.79 13.36
C GLY A 621 13.25 -0.80 13.42
N SER A 622 12.57 -0.56 12.30
CA SER A 622 11.29 0.22 12.37
C SER A 622 10.18 -0.64 12.94
N VAL A 623 9.11 -0.02 13.32
CA VAL A 623 7.81 -0.76 13.35
C VAL A 623 7.39 -1.05 11.91
N TYR A 624 7.96 -2.11 11.40
CA TYR A 624 7.73 -2.51 10.05
C TYR A 624 6.44 -3.39 10.05
N ASN A 625 5.37 -2.77 9.56
CA ASN A 625 4.05 -3.29 9.80
C ASN A 625 3.87 -4.69 9.24
N HIS A 626 4.54 -5.03 8.13
CA HIS A 626 4.37 -6.32 7.58
C HIS A 626 4.99 -7.41 8.51
N ALA A 627 6.09 -7.08 9.18
CA ALA A 627 6.63 -8.01 10.15
C ALA A 627 5.71 -8.07 11.36
N ALA A 628 5.26 -6.91 11.82
CA ALA A 628 4.32 -6.83 12.92
C ALA A 628 3.07 -7.73 12.72
N VAL A 629 2.59 -7.80 11.48
CA VAL A 629 1.35 -8.49 11.24
C VAL A 629 1.60 -9.97 11.18
N PHE A 630 2.79 -10.42 10.73
CA PHE A 630 3.12 -11.84 10.83
C PHE A 630 3.13 -12.28 12.33
N TYR A 631 3.58 -11.41 13.21
CA TYR A 631 3.55 -11.71 14.64
C TYR A 631 2.10 -11.80 15.12
N ILE A 632 1.27 -10.84 14.69
CA ILE A 632 -0.12 -10.82 15.04
C ILE A 632 -0.81 -12.13 14.66
N PHE A 633 -0.54 -12.54 13.44
CA PHE A 633 -1.09 -13.74 12.92
C PHE A 633 -0.60 -14.93 13.73
N SER A 634 0.69 -14.93 14.11
CA SER A 634 1.26 -16.03 14.91
C SER A 634 0.52 -16.18 16.28
N LEU A 635 0.26 -15.02 16.87
CA LEU A 635 -0.37 -14.90 18.16
C LEU A 635 -1.82 -15.44 18.13
N LEU A 636 -2.55 -15.11 17.06
CA LEU A 636 -3.84 -15.64 16.79
C LEU A 636 -3.79 -17.11 16.60
N SER A 637 -2.72 -17.68 16.00
CA SER A 637 -2.74 -19.11 15.71
C SER A 637 -2.60 -19.94 17.00
N ILE A 638 -2.15 -19.32 18.10
CA ILE A 638 -2.04 -19.96 19.43
C ILE A 638 -2.99 -19.33 20.48
N GLY A 639 -4.02 -18.63 20.05
CA GLY A 639 -5.05 -18.17 20.94
C GLY A 639 -4.66 -17.03 21.83
N GLU A 640 -3.53 -16.39 21.57
CA GLU A 640 -3.16 -15.16 22.31
C GLU A 640 -3.95 -13.95 21.86
N SER A 641 -5.23 -13.99 22.23
CA SER A 641 -6.20 -13.08 21.70
C SER A 641 -5.96 -11.67 22.10
N GLU A 642 -5.77 -11.42 23.40
CA GLU A 642 -5.55 -10.03 23.83
C GLU A 642 -4.25 -9.37 23.24
N ARG A 643 -3.18 -10.14 23.18
CA ARG A 643 -1.86 -9.64 22.72
C ARG A 643 -2.01 -9.23 21.24
N ALA A 644 -2.54 -10.16 20.45
CA ALA A 644 -2.80 -9.99 19.03
C ALA A 644 -3.62 -8.76 18.74
N TYR A 645 -4.70 -8.54 19.49
CA TYR A 645 -5.56 -7.45 19.22
C TYR A 645 -4.86 -6.15 19.59
N LYS A 646 -4.13 -6.15 20.69
CA LYS A 646 -3.50 -4.93 21.14
C LYS A 646 -2.51 -4.42 20.07
N LEU A 647 -1.69 -5.33 19.59
CA LEU A 647 -0.65 -5.03 18.63
C LEU A 647 -1.28 -4.68 17.26
N LEU A 648 -2.43 -5.28 16.89
CA LEU A 648 -3.10 -4.95 15.64
C LEU A 648 -3.66 -3.57 15.76
N ARG A 649 -4.26 -3.23 16.89
CA ARG A 649 -4.88 -1.92 17.04
C ARG A 649 -3.85 -0.78 17.06
N GLN A 650 -2.66 -1.07 17.56
CA GLN A 650 -1.54 -0.09 17.48
C GLN A 650 -1.13 0.39 16.05
N MET A 651 -1.39 -0.42 15.01
CA MET A 651 -1.20 -0.02 13.65
C MET A 651 -2.04 1.12 13.15
N LEU A 652 -3.13 1.38 13.86
CA LEU A 652 -4.06 2.39 13.46
C LEU A 652 -3.80 3.59 14.36
N PRO A 653 -3.36 4.72 13.80
CA PRO A 653 -3.16 5.90 14.63
C PRO A 653 -4.48 6.48 15.21
N GLY A 654 -4.42 7.04 16.41
CA GLY A 654 -5.55 7.79 17.00
C GLY A 654 -6.44 6.83 17.81
N PRO A 655 -7.36 7.36 18.63
CA PRO A 655 -7.77 8.77 18.64
C PRO A 655 -6.91 9.66 19.54
N ASP A 656 -6.02 9.09 20.32
CA ASP A 656 -5.18 9.93 21.13
C ASP A 656 -4.49 11.05 20.27
N GLU A 657 -4.63 12.30 20.68
CA GLU A 657 -4.09 13.42 19.93
C GLU A 657 -2.51 13.38 19.82
N ALA A 658 -1.79 13.09 20.91
CA ALA A 658 -0.32 13.05 20.88
C ALA A 658 0.13 12.01 19.85
N ASP A 659 -0.54 10.85 19.85
CA ASP A 659 -0.26 9.76 18.92
C ASP A 659 -0.45 10.25 17.46
N LEU A 660 -1.58 10.91 17.22
CA LEU A 660 -1.89 11.38 15.91
C LEU A 660 -0.84 12.34 15.37
N LEU A 661 -0.50 13.34 16.18
CA LEU A 661 0.48 14.34 15.84
C LEU A 661 1.89 13.70 15.67
N GLN A 662 2.24 12.76 16.52
CA GLN A 662 3.53 12.15 16.44
C GLN A 662 3.70 11.33 15.18
N ARG A 663 2.68 10.59 14.78
CA ARG A 663 2.82 9.72 13.62
C ARG A 663 2.65 10.51 12.32
N GLY A 664 1.85 11.56 12.39
CA GLY A 664 1.78 12.55 11.35
C GLY A 664 1.02 12.02 10.14
N GLN A 665 0.24 10.98 10.38
CA GLN A 665 -0.55 10.36 9.35
C GLN A 665 -2.09 10.45 9.46
N LEU A 666 -2.78 10.66 8.34
CA LEU A 666 -4.22 10.44 8.29
C LEU A 666 -4.51 8.97 8.42
N PRO A 667 -5.55 8.60 9.19
CA PRO A 667 -5.82 7.18 9.39
C PRO A 667 -6.64 6.59 8.24
N VAL A 668 -6.16 6.77 7.02
CA VAL A 668 -6.87 6.25 5.82
C VAL A 668 -6.08 5.19 5.08
N PHE A 669 -5.00 4.75 5.71
CA PHE A 669 -4.19 3.67 5.22
C PHE A 669 -3.19 3.29 6.30
N ILE A 670 -2.74 2.08 6.21
CA ILE A 670 -1.60 1.63 6.96
C ILE A 670 -0.28 1.80 6.16
N PRO A 671 0.70 2.55 6.68
CA PRO A 671 1.97 2.74 5.96
C PRO A 671 2.87 1.54 6.09
N ASN A 672 3.91 1.44 5.27
CA ASN A 672 4.79 0.32 5.40
C ASN A 672 5.52 0.26 6.73
N TYR A 673 5.73 1.40 7.37
CA TYR A 673 6.39 1.42 8.63
C TYR A 673 6.06 2.69 9.40
N TYR A 674 6.16 2.58 10.73
CA TYR A 674 6.23 3.74 11.63
C TYR A 674 7.67 3.68 12.21
N ARG A 675 8.32 4.82 12.43
CA ARG A 675 9.75 4.79 12.81
C ARG A 675 9.90 3.97 14.16
N GLY A 676 10.91 3.11 14.19
CA GLY A 676 11.33 2.38 15.37
C GLY A 676 12.45 3.02 16.15
N ALA A 677 13.41 2.18 16.52
CA ALA A 677 14.54 2.59 17.39
C ALA A 677 13.95 3.43 18.56
N TYR A 678 12.89 2.89 19.15
CA TYR A 678 12.10 3.60 20.13
C TYR A 678 12.93 4.01 21.37
N TYR A 679 13.80 3.11 21.79
CA TYR A 679 14.71 3.41 22.89
C TYR A 679 15.92 4.29 22.53
N GLN A 680 16.52 4.07 21.37
CA GLN A 680 17.67 4.87 20.87
C GLN A 680 17.27 6.29 20.43
N HIS A 681 16.13 6.48 19.77
CA HIS A 681 15.74 7.82 19.30
C HIS A 681 14.28 8.07 19.54
N PRO A 682 13.96 8.48 20.77
CA PRO A 682 12.54 8.60 21.04
C PRO A 682 11.90 9.77 20.29
N ARG A 683 12.60 10.86 19.99
CA ARG A 683 11.94 12.03 19.40
C ARG A 683 11.17 11.73 18.10
N THR A 684 11.66 10.78 17.31
CA THR A 684 11.10 10.47 16.00
C THR A 684 10.28 9.20 15.94
N ALA A 685 10.29 8.45 17.05
CA ALA A 685 9.71 7.14 17.02
C ALA A 685 8.20 7.24 16.82
N GLY A 686 7.66 6.31 16.02
CA GLY A 686 6.26 6.41 15.57
C GLY A 686 5.98 7.18 14.27
N ARG A 687 6.92 8.01 13.81
CA ARG A 687 6.71 8.73 12.56
C ARG A 687 6.39 7.81 11.38
N SER A 688 5.31 8.12 10.66
CA SER A 688 4.88 7.33 9.51
C SER A 688 5.80 7.56 8.27
N SER A 689 6.07 6.49 7.56
CA SER A 689 6.69 6.55 6.28
C SER A 689 5.86 7.20 5.21
N GLN A 690 4.52 7.23 5.41
CA GLN A 690 3.53 7.77 4.47
C GLN A 690 3.41 6.93 3.21
N LEU A 691 4.05 5.74 3.19
CA LEU A 691 4.02 4.87 2.04
C LEU A 691 2.81 3.89 2.13
N PHE A 692 1.92 3.99 1.17
CA PHE A 692 0.72 3.16 1.13
C PHE A 692 0.96 1.83 0.47
N ASN A 693 2.06 1.69 -0.27
CA ASN A 693 2.46 0.39 -0.79
C ASN A 693 3.05 -0.46 0.33
N THR A 694 2.30 -1.51 0.70
CA THR A 694 2.78 -2.48 1.65
C THR A 694 1.86 -3.73 1.69
N GLY A 695 2.52 -4.88 1.77
CA GLY A 695 1.90 -6.19 1.81
C GLY A 695 1.31 -6.47 3.18
N THR A 696 1.48 -5.53 4.08
CA THR A 696 0.86 -5.59 5.39
C THR A 696 -0.65 -5.83 5.29
N VAL A 697 -1.33 -5.05 4.45
CA VAL A 697 -2.80 -4.91 4.57
C VAL A 697 -3.55 -6.19 4.21
N SER A 698 -3.05 -6.98 3.28
CA SER A 698 -3.69 -8.25 2.99
C SER A 698 -3.70 -9.20 4.26
N TRP A 699 -2.66 -9.12 5.10
CA TRP A 699 -2.55 -9.92 6.34
C TRP A 699 -3.38 -9.30 7.45
N VAL A 700 -3.43 -7.98 7.52
CA VAL A 700 -4.26 -7.36 8.49
C VAL A 700 -5.74 -7.78 8.25
N TYR A 701 -6.17 -7.75 7.00
CA TYR A 701 -7.52 -8.06 6.60
C TYR A 701 -7.82 -9.52 6.92
N ARG A 702 -6.93 -10.42 6.51
CA ARG A 702 -6.99 -11.79 6.91
C ARG A 702 -7.12 -11.99 8.46
N CYS A 703 -6.31 -11.29 9.27
CA CYS A 703 -6.32 -11.42 10.73
C CYS A 703 -7.69 -11.02 11.30
N LEU A 704 -8.27 -9.93 10.78
CA LEU A 704 -9.57 -9.49 11.20
C LEU A 704 -10.68 -10.47 10.87
N ILE A 705 -10.71 -10.93 9.63
CA ILE A 705 -11.73 -11.77 9.14
C ILE A 705 -11.69 -13.13 9.82
N GLU A 706 -10.54 -13.79 9.78
CA GLU A 706 -10.44 -15.15 10.21
C GLU A 706 -10.09 -15.34 11.70
N GLY A 707 -9.53 -14.32 12.32
CA GLY A 707 -8.86 -14.42 13.59
C GLY A 707 -9.62 -13.66 14.68
N VAL A 708 -9.70 -12.36 14.51
CA VAL A 708 -10.35 -11.54 15.49
C VAL A 708 -11.85 -11.85 15.47
N PHE A 709 -12.49 -11.66 14.31
CA PHE A 709 -13.94 -11.89 14.12
C PHE A 709 -14.19 -13.35 13.98
N GLY A 710 -13.16 -14.09 13.54
CA GLY A 710 -13.21 -15.52 13.56
C GLY A 710 -14.21 -16.17 12.64
N LEU A 711 -14.36 -15.65 11.43
CA LEU A 711 -15.31 -16.16 10.48
C LEU A 711 -14.51 -16.70 9.33
N LYS A 712 -14.08 -17.93 9.48
CA LYS A 712 -13.09 -18.55 8.60
C LYS A 712 -13.63 -19.71 7.85
N GLY A 713 -13.25 -19.85 6.59
CA GLY A 713 -13.75 -20.94 5.76
C GLY A 713 -13.03 -22.28 5.96
N SER A 714 -13.73 -23.36 5.64
CA SER A 714 -13.20 -24.68 5.75
C SER A 714 -13.85 -25.49 4.68
N PRO A 715 -13.37 -26.69 4.44
CA PRO A 715 -14.08 -27.48 3.40
C PRO A 715 -15.61 -27.83 3.72
N GLN A 716 -16.02 -27.62 4.98
CA GLN A 716 -17.40 -27.84 5.45
C GLN A 716 -18.28 -26.57 5.35
N GLY A 717 -17.67 -25.37 5.43
CA GLY A 717 -18.47 -24.17 5.44
C GLY A 717 -17.77 -23.11 6.22
N LEU A 718 -18.55 -22.34 6.99
CA LEU A 718 -18.01 -21.23 7.76
C LEU A 718 -17.76 -21.60 9.23
N VAL A 719 -16.52 -21.45 9.68
CA VAL A 719 -16.10 -21.82 11.04
C VAL A 719 -16.10 -20.58 11.92
N VAL A 720 -16.82 -20.65 13.05
CA VAL A 720 -16.98 -19.52 13.94
C VAL A 720 -16.03 -19.76 15.06
N GLN A 721 -15.03 -18.88 15.17
CA GLN A 721 -13.93 -19.03 16.09
C GLN A 721 -13.40 -17.67 16.55
N PRO A 722 -14.26 -16.80 17.02
CA PRO A 722 -13.79 -15.47 17.36
C PRO A 722 -12.76 -15.37 18.49
N GLN A 723 -12.03 -14.22 18.50
CA GLN A 723 -11.02 -13.86 19.48
C GLN A 723 -11.15 -12.36 19.69
N LEU A 724 -12.32 -11.96 20.13
CA LEU A 724 -12.60 -10.57 20.37
C LEU A 724 -11.86 -10.15 21.58
N PRO A 725 -11.43 -8.88 21.64
CA PRO A 725 -10.85 -8.43 22.90
C PRO A 725 -11.92 -8.44 24.02
N VAL A 726 -11.51 -8.73 25.25
CA VAL A 726 -12.44 -8.87 26.39
C VAL A 726 -13.18 -7.60 26.72
N ALA A 727 -12.63 -6.44 26.41
CA ALA A 727 -13.38 -5.23 26.64
C ALA A 727 -14.67 -5.15 25.87
N TRP A 728 -14.84 -5.85 24.76
CA TRP A 728 -16.07 -5.64 23.97
C TRP A 728 -17.23 -6.40 24.63
N GLN A 729 -18.27 -5.70 25.09
CA GLN A 729 -19.46 -6.41 25.68
C GLN A 729 -20.30 -7.05 24.59
N THR A 730 -20.53 -6.28 23.53
CA THR A 730 -21.12 -6.77 22.28
C THR A 730 -20.33 -6.27 21.04
N ALA A 731 -20.50 -6.94 19.90
CA ALA A 731 -20.07 -6.39 18.60
C ALA A 731 -20.90 -7.00 17.51
N GLU A 732 -20.91 -6.38 16.33
CA GLU A 732 -21.50 -7.02 15.14
C GLU A 732 -20.48 -7.05 13.99
N ALA A 733 -20.73 -7.98 13.09
CA ALA A 733 -20.11 -7.99 11.81
C ALA A 733 -21.08 -8.52 10.80
N VAL A 734 -20.91 -8.08 9.56
CA VAL A 734 -21.54 -8.66 8.41
C VAL A 734 -20.45 -9.27 7.56
N ARG A 735 -20.57 -10.55 7.26
CA ARG A 735 -19.61 -11.31 6.54
C ARG A 735 -20.20 -11.83 5.29
N GLU A 736 -19.59 -11.46 4.15
CA GLU A 736 -19.96 -12.09 2.90
C GLU A 736 -19.06 -13.33 2.72
N PHE A 737 -19.64 -14.46 2.36
CA PHE A 737 -18.88 -15.71 2.30
C PHE A 737 -19.54 -16.68 1.34
N ARG A 738 -18.77 -17.14 0.34
CA ARG A 738 -19.25 -18.07 -0.69
C ARG A 738 -20.65 -17.75 -1.23
N GLY A 739 -20.86 -16.48 -1.52
CA GLY A 739 -22.09 -16.00 -2.11
C GLY A 739 -23.25 -15.71 -1.14
N ALA A 740 -23.08 -15.93 0.17
CA ALA A 740 -24.10 -15.65 1.18
C ALA A 740 -23.65 -14.56 2.08
N THR A 741 -24.58 -14.08 2.89
CA THR A 741 -24.30 -13.08 3.88
C THR A 741 -24.62 -13.60 5.24
N PHE A 742 -23.79 -13.22 6.23
CA PHE A 742 -23.95 -13.69 7.61
C PHE A 742 -23.94 -12.44 8.47
N ASN A 743 -25.10 -12.11 9.04
CA ASN A 743 -25.23 -11.02 10.02
C ASN A 743 -24.91 -11.52 11.39
N VAL A 744 -23.80 -11.13 11.95
CA VAL A 744 -23.31 -11.80 13.14
C VAL A 744 -23.43 -10.84 14.28
N SER A 745 -23.99 -11.35 15.39
CA SER A 745 -24.01 -10.59 16.63
C SER A 745 -23.27 -11.41 17.61
N TYR A 746 -22.36 -10.73 18.30
CA TYR A 746 -21.56 -11.35 19.36
C TYR A 746 -21.98 -10.68 20.65
N ARG A 747 -22.06 -11.46 21.72
CA ARG A 747 -22.45 -10.92 23.07
C ARG A 747 -21.84 -11.74 24.19
N LYS A 748 -21.33 -11.07 25.21
CA LYS A 748 -20.75 -11.79 26.35
C LYS A 748 -21.92 -12.15 27.25
N SER A 749 -21.93 -13.36 27.76
CA SER A 749 -22.99 -13.83 28.65
C SER A 749 -22.37 -14.57 29.81
N SER A 750 -22.68 -14.13 31.04
CA SER A 750 -22.20 -14.84 32.25
C SER A 750 -22.97 -16.12 32.54
N ASP A 751 -24.06 -16.39 31.80
CA ASP A 751 -24.85 -17.61 31.96
C ASP A 751 -24.27 -18.88 31.35
N ILE A 752 -23.11 -18.83 30.70
CA ILE A 752 -22.60 -20.02 29.99
C ILE A 752 -21.15 -20.26 30.26
N LYS A 753 -20.75 -21.50 30.07
CA LYS A 753 -19.39 -21.92 30.30
C LYS A 753 -18.65 -21.92 28.97
N GLU A 754 -19.28 -22.43 27.90
CA GLU A 754 -18.71 -22.46 26.55
C GLU A 754 -19.44 -21.50 25.60
N MET A 755 -18.75 -21.05 24.55
CA MET A 755 -19.41 -20.32 23.44
C MET A 755 -20.63 -21.07 22.93
N GLU A 756 -21.69 -20.34 22.67
CA GLU A 756 -22.89 -20.91 22.11
C GLU A 756 -23.21 -20.12 20.85
N ILE A 757 -23.50 -20.87 19.79
CA ILE A 757 -23.82 -20.30 18.51
C ILE A 757 -25.23 -20.63 18.09
N GLN A 758 -26.02 -19.60 17.80
CA GLN A 758 -27.34 -19.76 17.21
C GLN A 758 -27.41 -19.26 15.75
N LEU A 759 -28.02 -20.07 14.91
CA LEU A 759 -28.27 -19.80 13.55
C LEU A 759 -29.78 -19.61 13.31
N ASN A 760 -30.17 -18.44 12.82
CA ASN A 760 -31.60 -18.08 12.70
C ASN A 760 -32.38 -18.45 13.97
N GLU A 761 -31.86 -17.99 15.12
CA GLU A 761 -32.43 -18.20 16.48
C GLU A 761 -32.29 -19.57 17.14
N SER A 762 -32.19 -20.67 16.40
CA SER A 762 -32.02 -21.97 17.04
C SER A 762 -30.53 -22.32 17.22
N VAL A 763 -30.19 -22.95 18.34
CA VAL A 763 -28.81 -23.26 18.78
C VAL A 763 -28.24 -24.37 17.87
N ILE A 764 -26.95 -24.30 17.45
CA ILE A 764 -26.30 -25.40 16.65
C ILE A 764 -25.37 -26.12 17.62
N SER A 765 -24.93 -27.33 17.29
CA SER A 765 -23.79 -27.95 17.96
C SER A 765 -22.60 -27.88 17.05
N GLY A 766 -21.41 -27.80 17.63
CA GLY A 766 -20.21 -27.56 16.84
C GLY A 766 -20.10 -26.07 16.55
N ASN A 767 -19.18 -25.72 15.63
CA ASN A 767 -18.92 -24.31 15.32
C ASN A 767 -18.83 -23.97 13.84
N THR A 768 -19.33 -24.89 13.04
CA THR A 768 -19.37 -24.77 11.59
C THR A 768 -20.81 -24.62 11.08
N ILE A 769 -21.06 -23.54 10.36
CA ILE A 769 -22.26 -23.38 9.53
C ILE A 769 -22.05 -24.08 8.23
N SER A 770 -22.72 -25.18 7.98
CA SER A 770 -22.38 -25.99 6.80
C SER A 770 -23.43 -26.11 5.70
N ASP A 771 -24.58 -25.47 5.91
CA ASP A 771 -25.64 -25.40 4.91
C ASP A 771 -25.66 -23.94 4.36
N ILE A 772 -25.02 -23.69 3.23
CA ILE A 772 -24.83 -22.35 2.77
C ILE A 772 -25.36 -22.24 1.37
N THR A 773 -26.37 -21.41 1.21
CA THR A 773 -26.93 -21.17 -0.08
C THR A 773 -26.57 -19.80 -0.61
N ALA A 774 -26.11 -19.78 -1.86
CA ALA A 774 -25.80 -18.50 -2.48
C ALA A 774 -27.01 -17.58 -2.50
N GLY A 775 -26.85 -16.31 -2.09
CA GLY A 775 -27.93 -15.31 -2.09
C GLY A 775 -28.73 -15.15 -0.78
N ALA A 776 -28.69 -16.17 0.07
CA ALA A 776 -29.31 -16.19 1.36
C ALA A 776 -28.60 -15.26 2.34
N THR A 777 -29.33 -14.83 3.37
CA THR A 777 -28.80 -14.17 4.52
C THR A 777 -29.11 -14.97 5.75
N TYR A 778 -28.13 -15.19 6.62
CA TYR A 778 -28.25 -15.93 7.85
C TYR A 778 -27.99 -15.00 9.02
N GLN A 779 -28.78 -15.15 10.08
CA GLN A 779 -28.56 -14.50 11.38
C GLN A 779 -27.72 -15.39 12.24
N LEU A 780 -26.54 -14.95 12.65
CA LEU A 780 -25.78 -15.71 13.62
C LEU A 780 -25.71 -14.97 14.92
N THR A 781 -25.97 -15.67 16.04
CA THR A 781 -25.75 -15.11 17.38
C THR A 781 -24.72 -15.94 18.07
N VAL A 782 -23.70 -15.24 18.55
CA VAL A 782 -22.56 -15.90 19.13
C VAL A 782 -22.52 -15.31 20.51
N LEU A 783 -22.75 -16.19 21.49
CA LEU A 783 -22.62 -15.85 22.91
C LEU A 783 -21.33 -16.38 23.40
N LEU A 784 -20.66 -15.53 24.15
CA LEU A 784 -19.31 -15.82 24.65
C LEU A 784 -19.26 -15.69 26.20
N PRO A 785 -18.47 -16.54 26.87
CA PRO A 785 -18.18 -16.39 28.33
C PRO A 785 -17.60 -15.04 28.73
#